data_5OUE
#
_entry.id   5OUE
#
_cell.length_a   64.358
_cell.length_b   68.399
_cell.length_c   333.213
_cell.angle_alpha   90.000
_cell.angle_beta   90.000
_cell.angle_gamma   90.000
#
_symmetry.space_group_name_H-M   'C 2 2 21'
#
loop_
_entity.id
_entity.type
_entity.pdbx_description
1 polymer 'Casein kinase II subunit alpha'
2 non-polymer 'ACETATE ION'
3 non-polymer '3-methyl-5-oxidanyl-benzoic acid'
4 non-polymer (3-chloranyl-4-phenyl-phenyl)methyl-[2-(1~{H}-imidazol-4-yl)ethyl]azanium
5 water water
#
_entity_poly.entity_id   1
_entity_poly.type   'polypeptide(L)'
_entity_poly.pdbx_seq_one_letter_code
;GSMDIEFDDDADDDGSGSGSGSGSSGPVPSRARVYTDVNTHRPSEYWDYESHVVEWGNQDDYQLVRKLGRGKYSEVFEAI
NITNNEKVVVKILKPVKKKKIKREIKILENLRGGPNIITLADIVKDPVSRTPALVFEHVNNTDFKQLYQTLTDYDIRFYM
YEILKALDYCHSMGIMHRDVKPHNVMIDHEHRKLRLIDWGLAEFYHPGQEYNVRVASRYFKGPELLVDYQMYDYSLDMWS
LGCMLASMIFRKEPFFHGHDNYDQLVRIAKVLGTEDLYDYIDKYNIELDPRFNDILGRHSRKRWERFVHSENQHLVSPEA
LDFLDKLLRYDHQSRLTAREAMEHPYFYTVVK
;
_entity_poly.pdbx_strand_id   A,B
#
loop_
_chem_comp.id
_chem_comp.type
_chem_comp.name
_chem_comp.formula
ACT non-polymer 'ACETATE ION' 'C2 H3 O2 -1'
AVZ non-polymer (3-chloranyl-4-phenyl-phenyl)methyl-[2-(1~{H}-imidazol-4-yl)ethyl]azanium 'C18 H19 Cl N3 1'
AW5 non-polymer '3-methyl-5-oxidanyl-benzoic acid' 'C8 H8 O3'
#
# COMPACT_ATOMS: atom_id res chain seq x y z
N SER A 25 4.29 48.66 5.09
CA SER A 25 5.14 48.43 3.92
C SER A 25 4.71 47.15 3.17
N GLY A 26 3.45 47.12 2.73
CA GLY A 26 2.87 45.99 2.02
C GLY A 26 2.34 44.94 2.98
N PRO A 27 1.84 43.78 2.50
CA PRO A 27 1.31 42.76 3.43
C PRO A 27 2.39 41.99 4.21
N VAL A 28 2.04 41.56 5.43
CA VAL A 28 2.90 40.77 6.33
C VAL A 28 3.10 39.36 5.71
N PRO A 29 4.34 38.82 5.64
CA PRO A 29 4.51 37.46 5.07
C PRO A 29 3.95 36.37 5.98
N SER A 30 3.66 35.22 5.41
CA SER A 30 3.10 34.06 6.09
C SER A 30 3.69 32.79 5.47
N ARG A 31 3.74 31.72 6.24
CA ARG A 31 4.14 30.41 5.75
C ARG A 31 3.30 29.31 6.41
N ALA A 32 3.22 28.14 5.76
CA ALA A 32 2.50 26.99 6.33
C ALA A 32 3.12 26.60 7.67
N ARG A 33 2.27 26.18 8.63
CA ARG A 33 2.75 25.71 9.94
C ARG A 33 3.23 24.25 9.87
N VAL A 34 2.89 23.53 8.79
CA VAL A 34 3.31 22.14 8.57
C VAL A 34 3.84 21.97 7.17
N TYR A 35 4.75 20.99 6.96
CA TYR A 35 5.32 20.65 5.64
C TYR A 35 5.84 21.90 4.91
N THR A 36 6.36 22.86 5.69
CA THR A 36 6.80 24.17 5.20
C THR A 36 7.87 24.07 4.15
N ASP A 37 8.90 23.23 4.41
CA ASP A 37 10.09 23.14 3.55
C ASP A 37 10.25 21.85 2.80
N VAL A 38 9.17 21.11 2.59
CA VAL A 38 9.28 19.80 1.93
C VAL A 38 9.76 19.98 0.48
N ASN A 39 9.31 21.02 -0.24
CA ASN A 39 9.80 21.20 -1.62
C ASN A 39 11.22 21.75 -1.67
N THR A 40 11.56 22.63 -0.71
CA THR A 40 12.88 23.25 -0.61
C THR A 40 13.99 22.20 -0.49
N HIS A 41 13.75 21.15 0.28
CA HIS A 41 14.74 20.09 0.50
C HIS A 41 14.74 18.97 -0.54
N ARG A 42 14.00 19.17 -1.63
N ARG A 42 14.00 19.17 -1.63
CA ARG A 42 13.92 18.19 -2.70
CA ARG A 42 13.92 18.19 -2.70
C ARG A 42 14.52 18.76 -3.97
C ARG A 42 14.52 18.76 -3.97
N PRO A 43 15.07 17.88 -4.83
CA PRO A 43 15.68 18.30 -6.10
C PRO A 43 14.65 18.91 -7.04
N SER A 44 15.09 19.88 -7.84
CA SER A 44 14.20 20.55 -8.80
C SER A 44 13.35 19.60 -9.63
N GLU A 45 13.86 18.41 -9.99
CA GLU A 45 13.14 17.40 -10.77
C GLU A 45 11.72 17.16 -10.20
N TYR A 46 11.58 17.19 -8.87
CA TYR A 46 10.30 16.97 -8.19
C TYR A 46 9.25 18.07 -8.43
N TRP A 47 9.65 19.34 -8.22
CA TRP A 47 8.72 20.48 -8.27
C TRP A 47 8.80 21.33 -9.54
N ASP A 48 9.84 21.16 -10.37
CA ASP A 48 9.95 21.96 -11.60
C ASP A 48 9.23 21.22 -12.73
N TYR A 49 7.92 21.39 -12.78
CA TYR A 49 7.08 20.76 -13.79
C TYR A 49 7.40 21.18 -15.21
N GLU A 50 7.73 22.46 -15.40
CA GLU A 50 8.05 22.97 -16.73
C GLU A 50 9.17 22.16 -17.40
N SER A 51 10.14 21.70 -16.60
CA SER A 51 11.26 20.91 -17.11
C SER A 51 10.93 19.43 -17.21
N HIS A 52 9.73 19.01 -16.73
CA HIS A 52 9.28 17.63 -16.78
C HIS A 52 9.01 17.21 -18.22
N VAL A 53 9.50 16.02 -18.60
CA VAL A 53 9.36 15.43 -19.93
C VAL A 53 8.18 14.49 -19.92
N VAL A 54 7.18 14.84 -20.71
CA VAL A 54 5.97 14.05 -20.84
C VAL A 54 6.10 13.08 -21.99
N GLU A 55 5.75 11.82 -21.75
CA GLU A 55 5.78 10.79 -22.79
C GLU A 55 4.33 10.43 -23.09
N TRP A 56 3.86 10.75 -24.30
CA TRP A 56 2.48 10.47 -24.66
C TRP A 56 2.31 9.14 -25.40
N GLY A 57 1.54 8.25 -24.79
CA GLY A 57 1.25 6.94 -25.35
C GLY A 57 0.17 7.03 -26.41
N ASN A 58 0.02 5.98 -27.22
CA ASN A 58 -1.02 5.95 -28.23
C ASN A 58 -2.41 5.82 -27.58
N GLN A 59 -3.39 6.54 -28.11
CA GLN A 59 -4.74 6.51 -27.53
C GLN A 59 -5.63 5.39 -28.09
N ASP A 60 -5.08 4.60 -29.02
CA ASP A 60 -5.81 3.51 -29.63
C ASP A 60 -6.15 2.39 -28.65
N ASP A 61 -5.43 2.36 -27.53
CA ASP A 61 -5.65 1.38 -26.48
C ASP A 61 -7.03 1.55 -25.83
N TYR A 62 -7.48 2.79 -25.72
CA TYR A 62 -8.76 3.07 -25.09
C TYR A 62 -9.87 3.49 -26.04
N GLN A 63 -11.04 2.89 -25.89
CA GLN A 63 -12.20 3.23 -26.70
C GLN A 63 -13.20 3.95 -25.80
N LEU A 64 -13.61 5.14 -26.21
CA LEU A 64 -14.54 5.93 -25.42
C LEU A 64 -15.95 5.32 -25.39
N VAL A 65 -16.54 5.27 -24.20
CA VAL A 65 -17.87 4.71 -24.04
C VAL A 65 -18.99 5.76 -23.93
N ARG A 66 -18.77 6.78 -23.10
CA ARG A 66 -19.74 7.84 -22.86
C ARG A 66 -19.14 9.05 -22.16
N LYS A 67 -19.76 10.21 -22.33
CA LYS A 67 -19.31 11.44 -21.70
C LYS A 67 -19.81 11.43 -20.27
N LEU A 68 -18.95 11.78 -19.31
CA LEU A 68 -19.28 11.84 -17.88
C LEU A 68 -19.50 13.26 -17.40
N GLY A 69 -18.95 14.23 -18.14
CA GLY A 69 -19.09 15.61 -17.77
C GLY A 69 -18.18 16.53 -18.56
N ARG A 70 -18.47 17.82 -18.55
CA ARG A 70 -17.66 18.78 -19.27
C ARG A 70 -17.08 19.88 -18.37
N GLY A 71 -15.77 20.04 -18.43
CA GLY A 71 -15.04 21.03 -17.68
C GLY A 71 -14.85 22.27 -18.54
N LYS A 72 -14.37 23.36 -17.96
CA LYS A 72 -14.17 24.57 -18.73
C LYS A 72 -13.17 24.31 -19.85
N TYR A 73 -12.07 23.63 -19.52
CA TYR A 73 -11.04 23.29 -20.51
C TYR A 73 -10.86 21.78 -20.71
N SER A 74 -11.79 20.98 -20.20
CA SER A 74 -11.69 19.53 -20.33
C SER A 74 -13.02 18.80 -20.55
N GLU A 75 -12.94 17.60 -21.12
CA GLU A 75 -14.10 16.75 -21.36
C GLU A 75 -13.75 15.38 -20.79
N VAL A 76 -14.60 14.85 -19.92
CA VAL A 76 -14.35 13.59 -19.23
C VAL A 76 -15.23 12.48 -19.79
N PHE A 77 -14.60 11.34 -20.10
CA PHE A 77 -15.29 10.20 -20.68
C PHE A 77 -15.04 8.92 -19.91
N GLU A 78 -15.99 8.02 -20.00
CA GLU A 78 -15.84 6.70 -19.42
C GLU A 78 -15.28 5.91 -20.60
N ALA A 79 -14.25 5.12 -20.37
CA ALA A 79 -13.63 4.37 -21.45
C ALA A 79 -13.25 2.94 -21.12
N ILE A 80 -13.04 2.16 -22.15
CA ILE A 80 -12.64 0.77 -22.01
C ILE A 80 -11.22 0.59 -22.53
N ASN A 81 -10.38 -0.05 -21.73
CA ASN A 81 -9.01 -0.30 -22.15
C ASN A 81 -9.09 -1.64 -22.88
N ILE A 82 -8.77 -1.63 -24.17
CA ILE A 82 -8.85 -2.85 -24.97
C ILE A 82 -7.90 -3.97 -24.55
N THR A 83 -6.69 -3.61 -24.13
CA THR A 83 -5.68 -4.58 -23.72
C THR A 83 -6.12 -5.49 -22.57
N ASN A 84 -6.94 -4.97 -21.66
CA ASN A 84 -7.41 -5.76 -20.52
C ASN A 84 -8.92 -5.77 -20.28
N ASN A 85 -9.68 -5.15 -21.16
CA ASN A 85 -11.15 -5.06 -21.05
C ASN A 85 -11.62 -4.47 -19.71
N GLU A 86 -10.91 -3.44 -19.26
CA GLU A 86 -11.21 -2.77 -17.99
C GLU A 86 -11.61 -1.32 -18.18
N LYS A 87 -12.64 -0.88 -17.46
CA LYS A 87 -13.10 0.49 -17.54
C LYS A 87 -12.06 1.48 -17.02
N VAL A 88 -11.95 2.62 -17.69
CA VAL A 88 -11.02 3.68 -17.32
C VAL A 88 -11.69 5.03 -17.57
N VAL A 89 -11.17 6.08 -16.95
CA VAL A 89 -11.69 7.42 -17.16
C VAL A 89 -10.69 8.21 -18.02
N VAL A 90 -11.19 8.83 -19.08
CA VAL A 90 -10.32 9.60 -19.99
C VAL A 90 -10.70 11.07 -19.90
N LYS A 91 -9.74 11.91 -19.53
CA LYS A 91 -9.95 13.33 -19.43
C LYS A 91 -9.25 14.03 -20.58
N ILE A 92 -10.02 14.35 -21.62
CA ILE A 92 -9.45 15.05 -22.77
C ILE A 92 -9.29 16.51 -22.40
N LEU A 93 -8.10 17.05 -22.63
CA LEU A 93 -7.83 18.44 -22.27
C LEU A 93 -7.71 19.33 -23.49
N LYS A 94 -8.41 20.46 -23.44
CA LYS A 94 -8.32 21.46 -24.49
C LYS A 94 -7.02 22.16 -24.13
N PRO A 95 -5.99 22.07 -24.98
CA PRO A 95 -4.67 22.64 -24.71
C PRO A 95 -4.51 24.16 -24.80
N VAL A 96 -5.31 24.91 -24.04
CA VAL A 96 -5.21 26.36 -24.02
C VAL A 96 -3.86 26.81 -23.45
N LYS A 97 -3.44 26.17 -22.38
CA LYS A 97 -2.16 26.49 -21.75
C LYS A 97 -1.31 25.24 -21.55
N LYS A 98 -0.16 25.18 -22.20
CA LYS A 98 0.74 24.03 -22.10
C LYS A 98 1.36 23.81 -20.72
N LYS A 99 1.75 24.91 -20.07
CA LYS A 99 2.38 24.84 -18.76
C LYS A 99 1.46 24.22 -17.72
N LYS A 100 0.18 24.57 -17.78
CA LYS A 100 -0.80 24.06 -16.84
C LYS A 100 -0.95 22.54 -16.96
N ILE A 101 -0.95 22.04 -18.20
CA ILE A 101 -1.05 20.61 -18.43
C ILE A 101 0.14 19.86 -17.83
N LYS A 102 1.32 20.43 -17.99
CA LYS A 102 2.53 19.82 -17.45
C LYS A 102 2.45 19.79 -15.93
N ARG A 103 1.91 20.84 -15.34
CA ARG A 103 1.78 20.92 -13.89
C ARG A 103 0.88 19.83 -13.32
N GLU A 104 -0.25 19.58 -13.99
CA GLU A 104 -1.19 18.57 -13.52
C GLU A 104 -0.57 17.19 -13.62
N ILE A 105 0.03 16.90 -14.77
CA ILE A 105 0.70 15.60 -15.00
C ILE A 105 1.77 15.36 -13.93
N LYS A 106 2.67 16.32 -13.75
CA LYS A 106 3.74 16.17 -12.77
C LYS A 106 3.18 15.91 -11.37
N ILE A 107 2.19 16.69 -10.97
CA ILE A 107 1.57 16.53 -9.67
C ILE A 107 0.90 15.17 -9.53
N LEU A 108 0.23 14.72 -10.58
CA LEU A 108 -0.44 13.43 -10.58
C LEU A 108 0.57 12.29 -10.43
N GLU A 109 1.68 12.39 -11.15
CA GLU A 109 2.75 11.39 -11.10
C GLU A 109 3.37 11.38 -9.71
N ASN A 110 3.60 12.58 -9.10
CA ASN A 110 4.17 12.67 -7.75
C ASN A 110 3.27 12.03 -6.70
N LEU A 111 1.97 12.20 -6.84
CA LEU A 111 0.98 11.71 -5.89
C LEU A 111 0.45 10.32 -6.17
N ARG A 112 0.83 9.74 -7.29
CA ARG A 112 0.35 8.44 -7.77
C ARG A 112 0.56 7.36 -6.68
N GLY A 113 -0.55 6.77 -6.24
CA GLY A 113 -0.55 5.73 -5.22
C GLY A 113 -0.83 6.23 -3.82
N GLY A 114 -0.95 7.56 -3.65
CA GLY A 114 -1.28 8.12 -2.34
C GLY A 114 -2.70 7.75 -1.89
N PRO A 115 -3.00 7.73 -0.57
CA PRO A 115 -4.35 7.34 -0.15
C PRO A 115 -5.45 8.28 -0.66
N ASN A 116 -6.47 7.69 -1.36
CA ASN A 116 -7.64 8.41 -1.90
C ASN A 116 -7.32 9.45 -2.94
N ILE A 117 -6.16 9.33 -3.62
CA ILE A 117 -5.75 10.23 -4.69
C ILE A 117 -6.13 9.49 -5.95
N ILE A 118 -6.80 10.16 -6.88
CA ILE A 118 -7.10 9.53 -8.16
C ILE A 118 -5.78 9.06 -8.83
N THR A 119 -5.79 7.86 -9.37
CA THR A 119 -4.60 7.29 -9.97
C THR A 119 -4.50 7.56 -11.44
N LEU A 120 -3.46 8.27 -11.85
CA LEU A 120 -3.16 8.47 -13.28
C LEU A 120 -2.57 7.15 -13.78
N ALA A 121 -3.24 6.49 -14.71
CA ALA A 121 -2.83 5.21 -15.24
C ALA A 121 -2.05 5.37 -16.55
N ASP A 122 -2.36 6.42 -17.33
CA ASP A 122 -1.71 6.64 -18.62
C ASP A 122 -1.86 8.09 -19.06
N ILE A 123 -1.00 8.49 -19.99
CA ILE A 123 -0.97 9.82 -20.56
C ILE A 123 -0.93 9.56 -22.04
N VAL A 124 -2.00 9.88 -22.76
CA VAL A 124 -2.06 9.61 -24.19
C VAL A 124 -2.55 10.75 -25.07
N LYS A 125 -2.17 10.67 -26.34
CA LYS A 125 -2.59 11.63 -27.36
C LYS A 125 -3.20 10.85 -28.51
N ASP A 126 -4.34 11.31 -29.00
CA ASP A 126 -4.99 10.66 -30.12
C ASP A 126 -4.13 10.90 -31.37
N PRO A 127 -3.84 9.84 -32.14
CA PRO A 127 -2.99 9.94 -33.33
C PRO A 127 -3.30 11.12 -34.27
N VAL A 128 -4.57 11.37 -34.55
CA VAL A 128 -4.93 12.47 -35.45
C VAL A 128 -5.13 13.82 -34.77
N SER A 129 -5.93 13.87 -33.71
CA SER A 129 -6.18 15.12 -32.99
C SER A 129 -4.92 15.67 -32.26
N ARG A 130 -4.11 14.75 -31.73
CA ARG A 130 -2.90 15.05 -30.94
C ARG A 130 -3.24 15.85 -29.68
N THR A 131 -4.53 15.84 -29.32
CA THR A 131 -5.01 16.52 -28.15
C THR A 131 -4.59 15.75 -26.91
N PRO A 132 -4.10 16.46 -25.88
CA PRO A 132 -3.65 15.81 -24.65
C PRO A 132 -4.83 15.13 -23.93
N ALA A 133 -4.56 13.99 -23.33
CA ALA A 133 -5.59 13.24 -22.61
C ALA A 133 -4.96 12.48 -21.45
N LEU A 134 -5.63 12.51 -20.30
CA LEU A 134 -5.14 11.80 -19.12
C LEU A 134 -6.04 10.63 -18.88
N VAL A 135 -5.45 9.47 -18.59
CA VAL A 135 -6.21 8.25 -18.35
C VAL A 135 -6.09 7.91 -16.88
N PHE A 136 -7.24 7.74 -16.22
CA PHE A 136 -7.32 7.44 -14.80
C PHE A 136 -8.03 6.14 -14.54
N GLU A 137 -7.80 5.62 -13.32
CA GLU A 137 -8.52 4.46 -12.77
C GLU A 137 -10.00 4.85 -12.81
N HIS A 138 -10.86 3.88 -13.09
CA HIS A 138 -12.29 4.15 -13.08
C HIS A 138 -12.78 4.26 -11.63
N VAL A 139 -13.68 5.22 -11.36
CA VAL A 139 -14.37 5.33 -10.07
C VAL A 139 -15.87 5.32 -10.36
N ASN A 140 -16.61 4.39 -9.73
CA ASN A 140 -18.04 4.25 -9.92
C ASN A 140 -18.78 5.16 -8.94
N ASN A 141 -18.91 6.45 -9.32
CA ASN A 141 -19.52 7.46 -8.47
C ASN A 141 -21.02 7.30 -8.25
N THR A 142 -21.41 7.31 -6.96
CA THR A 142 -22.79 7.27 -6.50
C THR A 142 -23.28 8.72 -6.58
N ASP A 143 -24.55 8.89 -7.04
CA ASP A 143 -25.27 10.15 -7.29
C ASP A 143 -25.20 11.21 -6.16
N PHE A 144 -24.61 12.38 -6.49
CA PHE A 144 -24.41 13.59 -5.68
C PHE A 144 -25.73 14.03 -5.00
N LYS A 145 -26.81 14.18 -5.81
CA LYS A 145 -28.13 14.65 -5.39
C LYS A 145 -29.01 13.57 -4.71
N GLN A 146 -28.58 12.30 -4.76
CA GLN A 146 -29.29 11.16 -4.16
C GLN A 146 -28.62 10.66 -2.85
N LEU A 147 -27.30 10.93 -2.70
CA LEU A 147 -26.49 10.53 -1.54
C LEU A 147 -26.75 11.45 -0.32
N TYR A 148 -27.01 12.74 -0.58
CA TYR A 148 -27.26 13.85 0.35
C TYR A 148 -28.31 13.55 1.45
N GLN A 149 -29.42 12.88 1.11
CA GLN A 149 -30.51 12.60 2.05
C GLN A 149 -30.40 11.25 2.78
N THR A 150 -29.52 10.34 2.31
CA THR A 150 -29.40 9.02 2.95
C THR A 150 -28.23 8.95 3.95
N LEU A 151 -27.16 9.77 3.76
CA LEU A 151 -25.98 9.78 4.65
C LEU A 151 -26.35 10.00 6.11
N THR A 152 -25.75 9.23 7.00
CA THR A 152 -25.93 9.34 8.45
C THR A 152 -24.78 10.19 9.02
N ASP A 153 -24.86 10.56 10.33
CA ASP A 153 -23.81 11.26 11.04
C ASP A 153 -22.45 10.47 10.83
N TYR A 154 -22.44 9.14 11.03
CA TYR A 154 -21.26 8.28 10.86
C TYR A 154 -20.64 8.36 9.46
N ASP A 155 -21.47 8.29 8.40
CA ASP A 155 -21.05 8.36 7.00
C ASP A 155 -20.30 9.66 6.70
N ILE A 156 -20.78 10.80 7.25
CA ILE A 156 -20.15 12.11 7.08
C ILE A 156 -18.81 12.08 7.73
N ARG A 157 -18.72 11.60 8.99
CA ARG A 157 -17.45 11.45 9.70
C ARG A 157 -16.49 10.55 8.88
N PHE A 158 -16.99 9.40 8.35
CA PHE A 158 -16.18 8.43 7.60
C PHE A 158 -15.56 9.07 6.33
N TYR A 159 -16.40 9.68 5.48
CA TYR A 159 -15.97 10.29 4.24
C TYR A 159 -15.12 11.54 4.46
N MET A 160 -15.43 12.36 5.50
CA MET A 160 -14.59 13.52 5.85
C MET A 160 -13.15 13.03 6.20
N TYR A 161 -13.04 11.95 6.97
CA TYR A 161 -11.74 11.36 7.31
C TYR A 161 -11.00 10.85 6.06
N GLU A 162 -11.71 10.19 5.10
CA GLU A 162 -11.14 9.73 3.81
C GLU A 162 -10.57 10.94 3.00
N ILE A 163 -11.26 12.09 3.01
CA ILE A 163 -10.76 13.32 2.33
C ILE A 163 -9.50 13.83 3.07
N LEU A 164 -9.52 13.79 4.40
CA LEU A 164 -8.36 14.22 5.19
C LEU A 164 -7.13 13.38 4.93
N LYS A 165 -7.32 12.05 4.65
CA LYS A 165 -6.20 11.17 4.33
C LYS A 165 -5.55 11.67 3.05
N ALA A 166 -6.37 12.03 2.05
CA ALA A 166 -5.90 12.56 0.76
C ALA A 166 -5.15 13.90 0.95
N LEU A 167 -5.73 14.81 1.75
CA LEU A 167 -5.17 16.14 1.97
C LEU A 167 -3.90 16.09 2.79
N ASP A 168 -3.88 15.33 3.87
CA ASP A 168 -2.64 15.22 4.64
C ASP A 168 -1.53 14.66 3.77
N TYR A 169 -1.85 13.66 2.95
CA TYR A 169 -0.84 13.09 2.07
C TYR A 169 -0.32 14.08 1.01
N CYS A 170 -1.23 14.80 0.35
CA CYS A 170 -0.80 15.75 -0.67
C CYS A 170 -0.03 16.94 -0.08
N HIS A 171 -0.47 17.42 1.08
CA HIS A 171 0.21 18.53 1.77
C HIS A 171 1.62 18.08 2.20
N SER A 172 1.74 16.82 2.63
CA SER A 172 3.01 16.21 3.04
C SER A 172 3.97 16.14 1.84
N MET A 173 3.39 15.97 0.66
CA MET A 173 4.13 15.91 -0.59
C MET A 173 4.29 17.31 -1.17
N GLY A 174 4.08 18.32 -0.33
CA GLY A 174 4.20 19.72 -0.72
C GLY A 174 3.29 20.22 -1.83
N ILE A 175 2.06 19.72 -1.87
CA ILE A 175 1.10 20.11 -2.89
C ILE A 175 -0.24 20.61 -2.31
N MET A 176 -0.74 21.73 -2.84
CA MET A 176 -2.02 22.28 -2.44
C MET A 176 -3.00 21.93 -3.55
N HIS A 177 -4.11 21.28 -3.22
CA HIS A 177 -5.06 20.93 -4.27
C HIS A 177 -5.65 22.19 -4.92
N ARG A 178 -6.06 23.13 -4.07
CA ARG A 178 -6.61 24.44 -4.43
C ARG A 178 -8.00 24.45 -5.11
N ASP A 179 -8.68 23.32 -5.14
CA ASP A 179 -10.01 23.23 -5.73
C ASP A 179 -10.88 22.22 -5.01
N VAL A 180 -10.78 22.17 -3.68
CA VAL A 180 -11.59 21.21 -2.94
C VAL A 180 -13.05 21.63 -2.97
N LYS A 181 -13.91 20.68 -3.35
CA LYS A 181 -15.36 20.86 -3.45
C LYS A 181 -16.01 19.50 -3.72
N PRO A 182 -17.33 19.40 -3.52
CA PRO A 182 -18.10 18.17 -3.74
C PRO A 182 -17.92 17.55 -5.12
N HIS A 183 -17.83 18.39 -6.15
CA HIS A 183 -17.65 17.94 -7.52
C HIS A 183 -16.33 17.20 -7.73
N ASN A 184 -15.28 17.62 -7.01
CA ASN A 184 -13.96 17.03 -7.10
C ASN A 184 -13.73 15.84 -6.15
N VAL A 185 -14.80 15.42 -5.47
CA VAL A 185 -14.73 14.25 -4.57
C VAL A 185 -15.66 13.14 -5.08
N MET A 186 -15.07 12.03 -5.51
CA MET A 186 -15.81 10.89 -6.05
C MET A 186 -15.97 9.83 -5.00
N ILE A 187 -17.22 9.40 -4.79
CA ILE A 187 -17.54 8.36 -3.82
C ILE A 187 -18.26 7.19 -4.46
N ASP A 188 -17.71 5.99 -4.26
CA ASP A 188 -18.30 4.71 -4.64
C ASP A 188 -18.85 4.24 -3.28
N HIS A 189 -20.10 4.62 -2.96
CA HIS A 189 -20.71 4.35 -1.66
C HIS A 189 -20.80 2.86 -1.33
N GLU A 190 -21.12 2.03 -2.35
CA GLU A 190 -21.25 0.57 -2.22
C GLU A 190 -19.96 -0.06 -1.71
N HIS A 191 -18.80 0.46 -2.16
CA HIS A 191 -17.49 -0.05 -1.76
C HIS A 191 -16.80 0.87 -0.75
N ARG A 192 -17.50 1.95 -0.30
CA ARG A 192 -17.02 2.97 0.66
C ARG A 192 -15.65 3.50 0.23
N LYS A 193 -15.52 3.78 -1.07
CA LYS A 193 -14.29 4.23 -1.71
C LYS A 193 -14.44 5.69 -2.12
N LEU A 194 -13.45 6.49 -1.75
CA LEU A 194 -13.43 7.92 -2.04
C LEU A 194 -12.14 8.27 -2.79
N ARG A 195 -12.25 9.15 -3.79
CA ARG A 195 -11.13 9.68 -4.55
C ARG A 195 -11.21 11.19 -4.71
N LEU A 196 -10.10 11.89 -4.42
CA LEU A 196 -9.98 13.32 -4.63
C LEU A 196 -9.45 13.47 -6.06
N ILE A 197 -10.23 14.15 -6.91
CA ILE A 197 -9.93 14.27 -8.34
C ILE A 197 -9.64 15.71 -8.77
N ASP A 198 -9.38 15.86 -10.07
CA ASP A 198 -9.11 17.13 -10.76
C ASP A 198 -8.05 17.99 -10.06
N TRP A 199 -6.81 17.63 -10.34
CA TRP A 199 -5.60 18.26 -9.85
C TRP A 199 -5.12 19.36 -10.81
N GLY A 200 -6.00 19.79 -11.71
CA GLY A 200 -5.68 20.82 -12.67
C GLY A 200 -5.32 22.18 -12.06
N LEU A 201 -5.90 22.49 -10.91
CA LEU A 201 -5.62 23.75 -10.22
C LEU A 201 -4.56 23.61 -9.13
N ALA A 202 -4.07 22.39 -8.93
CA ALA A 202 -3.08 22.13 -7.89
C ALA A 202 -1.72 22.79 -8.13
N GLU A 203 -1.04 23.14 -7.05
CA GLU A 203 0.28 23.77 -7.13
C GLU A 203 1.24 23.30 -6.06
N PHE A 204 2.53 23.38 -6.37
CA PHE A 204 3.56 23.04 -5.41
C PHE A 204 3.67 24.17 -4.41
N TYR A 205 3.90 23.85 -3.15
CA TYR A 205 4.01 24.89 -2.14
C TYR A 205 5.46 25.23 -1.82
N HIS A 206 5.80 26.50 -1.98
CA HIS A 206 7.13 27.00 -1.70
C HIS A 206 6.94 28.16 -0.71
N PRO A 207 7.58 28.07 0.46
CA PRO A 207 7.40 29.14 1.46
C PRO A 207 7.76 30.53 0.91
N GLY A 208 6.92 31.53 1.20
CA GLY A 208 7.13 32.89 0.72
C GLY A 208 6.60 33.19 -0.67
N GLN A 209 6.21 32.16 -1.44
CA GLN A 209 5.70 32.33 -2.82
C GLN A 209 4.32 33.04 -2.83
N GLU A 210 4.15 33.95 -3.78
CA GLU A 210 2.90 34.68 -3.92
C GLU A 210 2.08 34.10 -5.07
N TYR A 211 1.09 33.29 -4.72
CA TYR A 211 0.22 32.63 -5.69
C TYR A 211 -0.94 33.45 -6.26
N ASN A 212 -1.47 32.98 -7.38
CA ASN A 212 -2.61 33.60 -8.04
C ASN A 212 -3.83 33.26 -7.18
N VAL A 213 -4.63 34.27 -6.85
CA VAL A 213 -5.81 34.07 -5.99
C VAL A 213 -7.03 33.56 -6.78
N ARG A 214 -6.95 33.56 -8.12
CA ARG A 214 -8.07 33.09 -8.97
C ARG A 214 -8.07 31.58 -9.07
N VAL A 215 -8.22 30.95 -7.91
CA VAL A 215 -8.26 29.51 -7.81
C VAL A 215 -9.51 29.11 -7.03
N ALA A 216 -9.86 27.84 -7.15
CA ALA A 216 -11.02 27.17 -6.54
C ALA A 216 -12.35 27.60 -7.13
N SER A 217 -13.43 27.23 -6.46
N SER A 217 -13.42 27.23 -6.45
CA SER A 217 -14.77 27.59 -6.88
CA SER A 217 -14.77 27.58 -6.87
C SER A 217 -15.39 28.54 -5.86
C SER A 217 -15.39 28.54 -5.86
N ARG A 218 -15.90 29.65 -6.38
CA ARG A 218 -16.52 30.70 -5.55
C ARG A 218 -17.00 30.36 -4.14
N TYR A 219 -17.89 29.38 -4.03
CA TYR A 219 -18.41 29.06 -2.69
C TYR A 219 -17.38 28.47 -1.73
N PHE A 220 -16.27 27.94 -2.27
CA PHE A 220 -15.22 27.22 -1.52
C PHE A 220 -13.95 28.05 -1.35
N LYS A 221 -13.96 29.28 -1.90
CA LYS A 221 -12.81 30.18 -1.82
C LYS A 221 -12.56 30.65 -0.39
N GLY A 222 -11.32 30.50 0.06
CA GLY A 222 -10.89 30.94 1.37
C GLY A 222 -10.87 32.45 1.46
N PRO A 223 -11.09 33.03 2.67
CA PRO A 223 -11.02 34.50 2.80
C PRO A 223 -9.71 35.12 2.24
N GLU A 224 -8.57 34.39 2.37
CA GLU A 224 -7.26 34.83 1.84
C GLU A 224 -7.36 35.16 0.34
N LEU A 225 -8.11 34.36 -0.44
CA LEU A 225 -8.27 34.57 -1.89
C LEU A 225 -9.13 35.83 -2.18
N LEU A 226 -10.24 35.95 -1.43
CA LEU A 226 -11.22 37.04 -1.57
C LEU A 226 -10.66 38.39 -1.20
N VAL A 227 -9.67 38.45 -0.29
CA VAL A 227 -9.05 39.72 0.11
C VAL A 227 -7.72 39.96 -0.65
N ASP A 228 -7.44 39.10 -1.64
CA ASP A 228 -6.24 39.17 -2.50
C ASP A 228 -4.93 39.03 -1.68
N TYR A 229 -4.93 38.10 -0.71
CA TYR A 229 -3.72 37.78 0.06
C TYR A 229 -3.07 36.57 -0.64
N GLN A 230 -2.00 36.85 -1.38
CA GLN A 230 -1.32 35.89 -2.24
C GLN A 230 -0.41 34.85 -1.55
N MET A 231 0.09 35.12 -0.35
CA MET A 231 1.05 34.20 0.30
C MET A 231 0.35 33.12 1.12
N TYR A 232 -0.60 32.43 0.47
CA TYR A 232 -1.38 31.40 1.12
C TYR A 232 -0.68 30.02 1.03
N ASP A 233 -1.29 28.99 1.63
CA ASP A 233 -0.69 27.66 1.69
C ASP A 233 -1.76 26.53 1.72
N TYR A 234 -1.37 25.33 2.21
CA TYR A 234 -2.24 24.15 2.35
C TYR A 234 -3.52 24.46 3.10
N SER A 235 -3.45 25.42 4.05
CA SER A 235 -4.58 25.83 4.88
C SER A 235 -5.76 26.28 4.02
N LEU A 236 -5.51 26.64 2.77
CA LEU A 236 -6.59 27.04 1.87
C LEU A 236 -7.54 25.86 1.70
N ASP A 237 -6.98 24.68 1.57
CA ASP A 237 -7.74 23.44 1.39
C ASP A 237 -8.63 23.16 2.59
N MET A 238 -8.14 23.45 3.78
CA MET A 238 -8.91 23.23 5.01
C MET A 238 -10.15 24.13 5.08
N TRP A 239 -10.04 25.35 4.56
CA TRP A 239 -11.21 26.26 4.54
C TRP A 239 -12.27 25.61 3.64
N SER A 240 -11.85 25.17 2.45
CA SER A 240 -12.74 24.53 1.45
C SER A 240 -13.42 23.30 2.03
N LEU A 241 -12.64 22.47 2.77
CA LEU A 241 -13.18 21.29 3.43
C LEU A 241 -14.24 21.70 4.51
N GLY A 242 -13.97 22.78 5.24
CA GLY A 242 -14.89 23.36 6.23
C GLY A 242 -16.22 23.73 5.59
N CYS A 243 -16.18 24.31 4.36
CA CYS A 243 -17.39 24.68 3.60
C CYS A 243 -18.21 23.45 3.25
N MET A 244 -17.51 22.37 2.87
CA MET A 244 -18.19 21.11 2.51
C MET A 244 -18.82 20.49 3.75
N LEU A 245 -18.10 20.53 4.89
CA LEU A 245 -18.63 19.96 6.14
C LEU A 245 -19.87 20.72 6.56
N ALA A 246 -19.82 22.08 6.53
CA ALA A 246 -20.96 22.91 6.89
C ALA A 246 -22.17 22.61 5.98
N SER A 247 -21.95 22.45 4.69
CA SER A 247 -23.08 22.16 3.79
C SER A 247 -23.72 20.80 4.11
N MET A 248 -22.89 19.79 4.42
CA MET A 248 -23.36 18.45 4.74
C MET A 248 -24.10 18.33 6.06
N ILE A 249 -23.48 18.83 7.17
CA ILE A 249 -24.12 18.67 8.50
C ILE A 249 -25.35 19.58 8.65
N PHE A 250 -25.38 20.71 7.94
CA PHE A 250 -26.51 21.62 8.03
C PHE A 250 -27.51 21.48 6.86
N ARG A 251 -27.21 20.61 5.88
CA ARG A 251 -28.06 20.41 4.68
C ARG A 251 -28.35 21.80 4.04
N LYS A 252 -27.28 22.54 3.77
CA LYS A 252 -27.44 23.89 3.19
C LYS A 252 -26.35 24.00 2.13
N GLU A 253 -26.72 23.82 0.86
CA GLU A 253 -25.76 23.84 -0.25
C GLU A 253 -26.00 25.01 -1.24
N PRO A 254 -24.98 25.87 -1.42
CA PRO A 254 -23.69 25.86 -0.70
C PRO A 254 -23.91 26.52 0.66
N PHE A 255 -22.94 26.37 1.58
CA PHE A 255 -23.08 27.03 2.87
C PHE A 255 -22.96 28.58 2.73
N PHE A 256 -21.93 29.06 1.99
CA PHE A 256 -21.71 30.49 1.81
C PHE A 256 -22.04 30.76 0.38
N HIS A 257 -23.24 31.30 0.14
CA HIS A 257 -23.78 31.47 -1.20
C HIS A 257 -23.50 32.86 -1.80
N GLY A 258 -22.24 33.11 -2.14
CA GLY A 258 -21.88 34.38 -2.76
C GLY A 258 -22.37 34.43 -4.20
N HIS A 259 -22.61 35.63 -4.72
CA HIS A 259 -23.06 35.84 -6.12
C HIS A 259 -21.91 36.30 -7.00
N ASP A 260 -20.82 36.74 -6.38
CA ASP A 260 -19.57 37.14 -7.01
C ASP A 260 -18.47 37.03 -5.97
N ASN A 261 -17.19 37.26 -6.33
CA ASN A 261 -16.08 37.12 -5.38
C ASN A 261 -16.12 38.10 -4.20
N TYR A 262 -16.67 39.31 -4.39
CA TYR A 262 -16.75 40.31 -3.31
C TYR A 262 -17.90 39.92 -2.37
N ASP A 263 -19.05 39.59 -2.95
CA ASP A 263 -20.23 39.15 -2.22
C ASP A 263 -19.94 37.86 -1.47
N GLN A 264 -19.04 37.00 -2.00
CA GLN A 264 -18.65 35.78 -1.30
C GLN A 264 -18.06 36.10 0.09
N LEU A 265 -17.18 37.10 0.19
CA LEU A 265 -16.64 37.50 1.51
C LEU A 265 -17.75 38.03 2.46
N VAL A 266 -18.74 38.76 1.90
CA VAL A 266 -19.90 39.28 2.66
C VAL A 266 -20.70 38.12 3.27
N ARG A 267 -20.92 37.07 2.49
CA ARG A 267 -21.66 35.87 2.97
C ARG A 267 -20.95 35.23 4.13
N ILE A 268 -19.62 35.17 4.05
CA ILE A 268 -18.76 34.65 5.12
C ILE A 268 -18.88 35.56 6.34
N ALA A 269 -18.77 36.89 6.13
CA ALA A 269 -18.85 37.90 7.20
C ALA A 269 -20.18 37.84 7.95
N LYS A 270 -21.27 37.51 7.24
CA LYS A 270 -22.63 37.37 7.83
C LYS A 270 -22.68 36.23 8.86
N VAL A 271 -21.74 35.27 8.77
CA VAL A 271 -21.64 34.14 9.71
C VAL A 271 -20.52 34.39 10.73
N LEU A 272 -19.28 34.59 10.23
CA LEU A 272 -18.09 34.77 11.07
C LEU A 272 -17.98 36.12 11.77
N GLY A 273 -18.74 37.10 11.31
CA GLY A 273 -18.70 38.46 11.88
C GLY A 273 -17.63 39.31 11.24
N THR A 274 -17.83 40.62 11.27
CA THR A 274 -16.88 41.58 10.70
C THR A 274 -15.72 41.91 11.67
N GLU A 275 -15.91 41.76 13.00
CA GLU A 275 -14.82 42.09 13.97
C GLU A 275 -13.59 41.21 13.70
N ASP A 276 -13.80 39.87 13.63
CA ASP A 276 -12.71 38.91 13.35
C ASP A 276 -12.15 39.09 11.94
N LEU A 277 -12.95 39.62 11.02
CA LEU A 277 -12.44 39.90 9.67
C LEU A 277 -11.39 41.03 9.72
N TYR A 278 -11.66 42.10 10.51
CA TYR A 278 -10.71 43.21 10.61
C TYR A 278 -9.45 42.77 11.37
N ASP A 279 -9.59 41.89 12.39
CA ASP A 279 -8.45 41.32 13.11
C ASP A 279 -7.53 40.57 12.12
N TYR A 280 -8.13 39.80 11.18
CA TYR A 280 -7.39 39.05 10.16
C TYR A 280 -6.61 39.98 9.23
N ILE A 281 -7.30 40.96 8.64
CA ILE A 281 -6.66 41.86 7.68
C ILE A 281 -5.59 42.73 8.37
N ASP A 282 -5.78 43.08 9.66
CA ASP A 282 -4.79 43.83 10.43
C ASP A 282 -3.58 43.00 10.77
N LYS A 283 -3.79 41.71 11.07
CA LYS A 283 -2.67 40.82 11.40
C LYS A 283 -1.72 40.73 10.22
N TYR A 284 -2.27 40.65 8.96
CA TYR A 284 -1.43 40.50 7.79
C TYR A 284 -1.23 41.78 6.98
N ASN A 285 -1.60 42.93 7.58
CA ASN A 285 -1.57 44.25 6.94
C ASN A 285 -2.17 44.21 5.50
N ILE A 286 -3.32 43.54 5.34
CA ILE A 286 -3.98 43.38 4.05
C ILE A 286 -4.71 44.66 3.70
N GLU A 287 -4.58 45.12 2.45
CA GLU A 287 -5.33 46.28 2.01
C GLU A 287 -6.68 45.77 1.45
N LEU A 288 -7.77 46.17 2.09
CA LEU A 288 -9.08 45.76 1.65
C LEU A 288 -9.47 46.56 0.42
N ASP A 289 -9.86 45.84 -0.62
CA ASP A 289 -10.28 46.41 -1.89
C ASP A 289 -11.46 47.43 -1.69
N PRO A 290 -11.45 48.60 -2.37
CA PRO A 290 -12.56 49.56 -2.20
C PRO A 290 -13.95 49.02 -2.56
N ARG A 291 -14.02 47.96 -3.41
CA ARG A 291 -15.30 47.33 -3.77
C ARG A 291 -16.03 46.83 -2.52
N PHE A 292 -15.30 46.58 -1.41
CA PHE A 292 -15.92 46.12 -0.16
C PHE A 292 -16.57 47.21 0.65
N ASN A 293 -16.28 48.49 0.34
CA ASN A 293 -16.73 49.63 1.12
C ASN A 293 -18.24 49.69 1.32
N ASP A 294 -19.04 49.58 0.25
CA ASP A 294 -20.49 49.70 0.36
C ASP A 294 -21.23 48.39 0.61
N ILE A 295 -20.55 47.24 0.53
CA ILE A 295 -21.23 45.94 0.67
C ILE A 295 -20.95 45.18 1.96
N LEU A 296 -19.80 45.42 2.61
CA LEU A 296 -19.39 44.63 3.78
C LEU A 296 -20.31 44.80 4.98
N GLY A 297 -20.67 46.06 5.29
CA GLY A 297 -21.49 46.40 6.43
C GLY A 297 -20.87 45.97 7.75
N ARG A 298 -21.73 45.65 8.75
CA ARG A 298 -21.30 45.24 10.10
C ARG A 298 -22.10 44.02 10.44
N HIS A 299 -21.43 42.97 10.91
CA HIS A 299 -22.13 41.73 11.25
C HIS A 299 -21.57 41.11 12.52
N SER A 300 -22.46 40.67 13.39
CA SER A 300 -22.11 39.99 14.63
C SER A 300 -21.63 38.58 14.26
N ARG A 301 -20.82 37.98 15.15
CA ARG A 301 -20.33 36.62 15.03
C ARG A 301 -21.51 35.70 15.38
N LYS A 302 -21.94 34.83 14.45
CA LYS A 302 -23.06 33.93 14.73
C LYS A 302 -22.56 32.67 15.45
N ARG A 303 -23.40 32.08 16.30
CA ARG A 303 -23.09 30.82 16.96
C ARG A 303 -23.42 29.73 15.94
N TRP A 304 -22.58 28.66 15.82
CA TRP A 304 -22.83 27.54 14.89
C TRP A 304 -24.19 26.83 15.11
N GLU A 305 -24.67 26.83 16.36
CA GLU A 305 -25.95 26.26 16.80
C GLU A 305 -27.15 26.86 16.06
N ARG A 306 -27.05 28.13 15.59
CA ARG A 306 -28.16 28.79 14.90
C ARG A 306 -28.47 28.16 13.51
N PHE A 307 -27.59 27.32 12.97
CA PHE A 307 -27.81 26.66 11.69
C PHE A 307 -28.46 25.29 11.86
N VAL A 308 -28.67 24.83 13.12
CA VAL A 308 -29.32 23.55 13.43
C VAL A 308 -30.85 23.73 13.25
N HIS A 309 -31.49 22.75 12.61
CA HIS A 309 -32.93 22.71 12.35
C HIS A 309 -33.38 21.26 12.40
N SER A 310 -34.72 21.03 12.35
CA SER A 310 -35.31 19.68 12.35
C SER A 310 -34.76 18.76 11.27
N GLU A 311 -34.54 19.31 10.06
CA GLU A 311 -34.04 18.54 8.91
C GLU A 311 -32.57 18.09 9.00
N ASN A 312 -31.75 18.78 9.80
CA ASN A 312 -30.31 18.44 9.90
C ASN A 312 -29.81 18.02 11.29
N GLN A 313 -30.65 18.07 12.32
CA GLN A 313 -30.19 17.83 13.69
C GLN A 313 -29.54 16.48 13.92
N HIS A 314 -29.98 15.47 13.19
CA HIS A 314 -29.43 14.12 13.32
C HIS A 314 -27.97 14.05 12.83
N LEU A 315 -27.46 15.09 12.14
CA LEU A 315 -26.10 15.12 11.59
C LEU A 315 -25.20 16.02 12.45
N VAL A 316 -25.82 16.81 13.36
CA VAL A 316 -25.08 17.79 14.18
C VAL A 316 -24.83 17.27 15.60
N SER A 317 -23.68 17.63 16.16
CA SER A 317 -23.30 17.25 17.53
C SER A 317 -22.32 18.31 18.06
N PRO A 318 -22.07 18.42 19.39
CA PRO A 318 -21.06 19.41 19.86
C PRO A 318 -19.69 19.20 19.19
N GLU A 319 -19.27 17.94 18.97
CA GLU A 319 -17.97 17.57 18.31
C GLU A 319 -17.93 18.11 16.88
N ALA A 320 -19.02 17.91 16.12
CA ALA A 320 -19.12 18.36 14.72
C ALA A 320 -18.98 19.88 14.65
N LEU A 321 -19.67 20.60 15.57
CA LEU A 321 -19.62 22.07 15.66
C LEU A 321 -18.27 22.56 16.10
N ASP A 322 -17.63 21.88 17.07
CA ASP A 322 -16.29 22.29 17.53
C ASP A 322 -15.27 22.11 16.39
N PHE A 323 -15.38 20.99 15.65
CA PHE A 323 -14.50 20.70 14.52
C PHE A 323 -14.69 21.75 13.41
N LEU A 324 -15.93 22.05 13.08
CA LEU A 324 -16.28 23.05 12.04
C LEU A 324 -15.75 24.42 12.42
N ASP A 325 -15.88 24.78 13.70
CA ASP A 325 -15.42 26.06 14.20
C ASP A 325 -13.90 26.24 14.03
N LYS A 326 -13.16 25.13 14.11
CA LYS A 326 -11.71 25.10 14.01
C LYS A 326 -11.21 25.05 12.55
N LEU A 327 -12.11 24.86 11.57
CA LEU A 327 -11.75 24.89 10.15
C LEU A 327 -12.15 26.22 9.55
N LEU A 328 -13.36 26.72 9.89
CA LEU A 328 -13.87 27.94 9.31
C LEU A 328 -13.44 29.15 10.08
N ARG A 329 -12.16 29.52 9.90
CA ARG A 329 -11.55 30.68 10.57
C ARG A 329 -10.94 31.54 9.51
N TYR A 330 -11.08 32.88 9.65
CA TYR A 330 -10.51 33.82 8.68
C TYR A 330 -9.00 33.57 8.57
N ASP A 331 -8.35 33.50 9.73
CA ASP A 331 -6.90 33.35 9.79
C ASP A 331 -6.48 31.99 9.36
N HIS A 332 -5.95 31.88 8.12
CA HIS A 332 -5.49 30.59 7.54
C HIS A 332 -4.51 29.82 8.46
N GLN A 333 -3.68 30.57 9.24
CA GLN A 333 -2.72 30.01 10.17
C GLN A 333 -3.37 29.34 11.40
N SER A 334 -4.54 29.86 11.81
N SER A 334 -4.53 29.86 11.85
CA SER A 334 -5.32 29.40 12.97
CA SER A 334 -5.22 29.32 13.01
C SER A 334 -6.21 28.18 12.67
C SER A 334 -6.05 28.07 12.69
N ARG A 335 -6.33 27.79 11.39
CA ARG A 335 -7.13 26.61 10.98
C ARG A 335 -6.37 25.35 11.31
N LEU A 336 -7.10 24.27 11.64
CA LEU A 336 -6.42 22.99 11.87
C LEU A 336 -5.74 22.54 10.56
N THR A 337 -4.59 21.88 10.69
CA THR A 337 -3.93 21.28 9.54
C THR A 337 -4.70 19.97 9.29
N ALA A 338 -4.47 19.28 8.18
CA ALA A 338 -5.16 18.01 7.92
C ALA A 338 -4.86 16.96 9.02
N ARG A 339 -3.61 16.90 9.49
CA ARG A 339 -3.18 15.98 10.55
C ARG A 339 -3.80 16.32 11.89
N GLU A 340 -3.86 17.62 12.27
CA GLU A 340 -4.55 18.03 13.52
C GLU A 340 -6.04 17.68 13.43
N ALA A 341 -6.67 17.91 12.25
CA ALA A 341 -8.08 17.59 12.02
C ALA A 341 -8.36 16.09 12.22
N MET A 342 -7.46 15.23 11.72
CA MET A 342 -7.60 13.76 11.89
C MET A 342 -7.62 13.31 13.36
N GLU A 343 -6.98 14.11 14.26
CA GLU A 343 -6.91 13.86 15.70
C GLU A 343 -8.12 14.44 16.48
N HIS A 344 -9.06 15.12 15.79
CA HIS A 344 -10.21 15.74 16.45
C HIS A 344 -11.20 14.71 17.03
N PRO A 345 -11.81 14.98 18.23
CA PRO A 345 -12.85 14.07 18.78
C PRO A 345 -13.98 13.67 17.81
N TYR A 346 -14.27 14.49 16.79
CA TYR A 346 -15.29 14.18 15.77
C TYR A 346 -15.00 12.86 15.04
N PHE A 347 -13.71 12.48 14.95
CA PHE A 347 -13.32 11.24 14.27
C PHE A 347 -13.03 10.07 15.21
N TYR A 348 -13.34 10.20 16.53
CA TYR A 348 -13.09 9.08 17.47
C TYR A 348 -13.86 7.80 17.10
N THR A 349 -15.00 7.94 16.39
CA THR A 349 -15.87 6.82 15.97
C THR A 349 -15.43 6.17 14.64
N VAL A 350 -14.38 6.69 14.00
CA VAL A 350 -13.92 6.13 12.73
C VAL A 350 -12.53 5.44 12.90
N VAL A 351 -12.30 4.40 12.11
CA VAL A 351 -11.03 3.64 12.04
C VAL A 351 -9.93 4.55 11.40
N LYS A 352 -8.74 4.57 11.99
CA LYS A 352 -7.64 5.38 11.49
C LYS A 352 -6.66 4.54 10.68
N SER B 25 -2.72 -39.15 -20.49
CA SER B 25 -3.32 -37.88 -20.92
C SER B 25 -2.91 -36.74 -19.97
N GLY B 26 -1.60 -36.52 -19.88
CA GLY B 26 -1.03 -35.49 -19.03
C GLY B 26 -0.88 -35.92 -17.58
N PRO B 27 -0.37 -35.04 -16.69
CA PRO B 27 -0.18 -35.45 -15.29
C PRO B 27 -1.47 -35.60 -14.48
N VAL B 28 -1.44 -36.49 -13.48
CA VAL B 28 -2.55 -36.77 -12.56
C VAL B 28 -2.77 -35.54 -11.64
N PRO B 29 -4.03 -35.05 -11.46
CA PRO B 29 -4.24 -33.90 -10.55
C PRO B 29 -4.03 -34.27 -9.07
N SER B 30 -3.71 -33.26 -8.27
CA SER B 30 -3.45 -33.38 -6.83
C SER B 30 -4.02 -32.15 -6.14
N ARG B 31 -4.37 -32.28 -4.86
CA ARG B 31 -4.79 -31.16 -4.03
C ARG B 31 -4.27 -31.31 -2.62
N ALA B 32 -4.16 -30.19 -1.88
CA ALA B 32 -3.68 -30.19 -0.49
C ALA B 32 -4.60 -31.02 0.38
N ARG B 33 -4.02 -31.71 1.36
CA ARG B 33 -4.77 -32.53 2.32
C ARG B 33 -5.35 -31.68 3.44
N VAL B 34 -4.84 -30.43 3.61
CA VAL B 34 -5.30 -29.47 4.62
C VAL B 34 -5.52 -28.12 4.00
N TYR B 35 -6.46 -27.31 4.57
CA TYR B 35 -6.78 -25.94 4.14
C TYR B 35 -6.99 -25.88 2.62
N THR B 36 -7.61 -26.93 2.08
CA THR B 36 -7.81 -27.12 0.63
C THR B 36 -8.60 -25.98 0.00
N ASP B 37 -9.71 -25.62 0.63
CA ASP B 37 -10.67 -24.65 0.09
C ASP B 37 -10.75 -23.34 0.84
N VAL B 38 -9.70 -22.99 1.61
CA VAL B 38 -9.73 -21.78 2.43
C VAL B 38 -9.81 -20.49 1.57
N ASN B 39 -9.23 -20.49 0.34
CA ASN B 39 -9.36 -19.32 -0.55
C ASN B 39 -10.68 -19.32 -1.32
N THR B 40 -11.17 -20.51 -1.69
CA THR B 40 -12.42 -20.69 -2.43
C THR B 40 -13.62 -20.10 -1.65
N HIS B 41 -13.62 -20.30 -0.34
CA HIS B 41 -14.71 -19.84 0.53
C HIS B 41 -14.59 -18.39 1.01
N ARG B 42 -13.60 -17.69 0.49
N ARG B 42 -13.60 -17.69 0.49
CA ARG B 42 -13.39 -16.29 0.87
CA ARG B 42 -13.39 -16.29 0.87
C ARG B 42 -13.67 -15.39 -0.33
C ARG B 42 -13.67 -15.39 -0.33
N PRO B 43 -13.95 -14.12 -0.06
CA PRO B 43 -14.23 -13.16 -1.14
C PRO B 43 -13.06 -12.92 -2.10
N SER B 44 -13.39 -12.35 -3.25
CA SER B 44 -12.42 -12.08 -4.30
C SER B 44 -11.33 -11.13 -3.84
N GLU B 45 -11.68 -10.14 -3.03
CA GLU B 45 -10.72 -9.15 -2.57
C GLU B 45 -9.54 -9.76 -1.82
N TYR B 46 -9.79 -10.77 -1.00
CA TYR B 46 -8.70 -11.39 -0.24
C TYR B 46 -7.59 -12.05 -1.07
N TRP B 47 -7.96 -12.82 -2.09
CA TRP B 47 -6.95 -13.50 -2.91
C TRP B 47 -6.57 -12.87 -4.25
N ASP B 48 -7.30 -11.85 -4.69
CA ASP B 48 -6.97 -11.22 -5.96
C ASP B 48 -6.07 -10.04 -5.65
N TYR B 49 -4.76 -10.25 -5.79
CA TYR B 49 -3.81 -9.20 -5.49
C TYR B 49 -3.70 -8.21 -6.63
N GLU B 50 -4.06 -8.64 -7.83
CA GLU B 50 -3.99 -7.73 -8.99
C GLU B 50 -4.99 -6.59 -8.86
N SER B 51 -6.15 -6.84 -8.21
CA SER B 51 -7.21 -5.83 -7.99
C SER B 51 -7.01 -5.06 -6.70
N HIS B 52 -6.00 -5.44 -5.87
CA HIS B 52 -5.70 -4.77 -4.61
C HIS B 52 -5.16 -3.37 -4.86
N VAL B 53 -5.70 -2.39 -4.11
CA VAL B 53 -5.32 -0.99 -4.22
C VAL B 53 -4.26 -0.70 -3.18
N VAL B 54 -3.06 -0.37 -3.66
CA VAL B 54 -1.94 -0.06 -2.78
C VAL B 54 -1.93 1.42 -2.50
N GLU B 55 -1.84 1.76 -1.23
CA GLU B 55 -1.79 3.16 -0.80
C GLU B 55 -0.39 3.42 -0.30
N TRP B 56 0.41 4.11 -1.11
CA TRP B 56 1.79 4.39 -0.74
C TRP B 56 1.92 5.65 0.09
N GLY B 57 2.44 5.47 1.30
CA GLY B 57 2.67 6.55 2.24
C GLY B 57 3.93 7.31 1.88
N ASN B 58 4.08 8.52 2.41
CA ASN B 58 5.27 9.31 2.14
C ASN B 58 6.48 8.68 2.83
N GLN B 59 7.64 8.72 2.18
CA GLN B 59 8.86 8.14 2.74
C GLN B 59 9.65 9.11 3.60
N ASP B 60 9.13 10.33 3.75
CA ASP B 60 9.74 11.39 4.56
C ASP B 60 9.83 11.03 6.05
N ASP B 61 8.88 10.25 6.54
CA ASP B 61 8.83 9.75 7.91
C ASP B 61 9.97 8.80 8.31
N TYR B 62 10.63 8.17 7.32
CA TYR B 62 11.73 7.26 7.62
C TYR B 62 13.07 7.78 7.14
N GLN B 63 14.05 7.74 8.04
CA GLN B 63 15.41 8.19 7.73
C GLN B 63 16.30 6.96 7.61
N LEU B 64 16.94 6.79 6.46
CA LEU B 64 17.79 5.62 6.23
C LEU B 64 19.09 5.78 7.04
N VAL B 65 19.50 4.71 7.74
CA VAL B 65 20.68 4.71 8.62
C VAL B 65 21.87 3.99 7.99
N ARG B 66 21.67 2.74 7.55
CA ARG B 66 22.73 1.92 6.94
C ARG B 66 22.15 0.81 6.07
N LYS B 67 22.95 0.32 5.11
CA LYS B 67 22.57 -0.79 4.24
C LYS B 67 22.81 -2.06 5.05
N LEU B 68 21.85 -3.00 5.01
CA LEU B 68 21.93 -4.28 5.71
C LEU B 68 22.29 -5.42 4.75
N GLY B 69 21.94 -5.23 3.49
CA GLY B 69 22.18 -6.21 2.44
C GLY B 69 21.54 -5.86 1.11
N ARG B 70 21.83 -6.70 0.10
CA ARG B 70 21.33 -6.54 -1.26
C ARG B 70 20.88 -7.89 -1.82
N GLY B 71 19.68 -7.91 -2.39
CA GLY B 71 19.08 -9.06 -3.06
C GLY B 71 19.09 -8.85 -4.56
N LYS B 72 18.49 -9.80 -5.31
CA LYS B 72 18.41 -9.77 -6.78
C LYS B 72 17.76 -8.48 -7.32
N TYR B 73 16.60 -8.12 -6.76
CA TYR B 73 15.80 -6.96 -7.14
C TYR B 73 15.37 -6.15 -5.89
N SER B 74 16.23 -6.14 -4.84
CA SER B 74 15.95 -5.45 -3.57
C SER B 74 17.22 -5.01 -2.82
N GLU B 75 17.11 -3.90 -2.08
CA GLU B 75 18.17 -3.35 -1.24
C GLU B 75 17.53 -3.11 0.13
N VAL B 76 18.12 -3.67 1.18
CA VAL B 76 17.59 -3.62 2.54
C VAL B 76 18.40 -2.65 3.41
N PHE B 77 17.69 -1.76 4.11
CA PHE B 77 18.30 -0.74 4.95
C PHE B 77 17.73 -0.75 6.35
N GLU B 78 18.56 -0.34 7.30
CA GLU B 78 18.12 -0.11 8.67
C GLU B 78 17.71 1.36 8.63
N ALA B 79 16.57 1.69 9.23
CA ALA B 79 16.07 3.05 9.24
C ALA B 79 15.43 3.42 10.58
N ILE B 80 15.13 4.71 10.72
CA ILE B 80 14.46 5.27 11.87
C ILE B 80 13.15 5.88 11.42
N ASN B 81 12.08 5.52 12.08
CA ASN B 81 10.79 6.14 11.87
C ASN B 81 10.89 7.43 12.74
N ILE B 82 10.99 8.62 12.10
CA ILE B 82 11.19 9.92 12.76
C ILE B 82 10.01 10.36 13.65
N THR B 83 8.80 9.87 13.34
CA THR B 83 7.59 10.24 14.08
C THR B 83 7.50 9.58 15.48
N ASN B 84 8.27 8.49 15.71
CA ASN B 84 8.24 7.80 17.01
C ASN B 84 9.61 7.30 17.48
N ASN B 85 10.70 7.65 16.74
CA ASN B 85 12.11 7.30 17.06
C ASN B 85 12.33 5.76 17.17
N GLU B 86 11.56 4.99 16.41
CA GLU B 86 11.67 3.53 16.39
C GLU B 86 12.42 3.04 15.18
N LYS B 87 13.28 2.01 15.39
CA LYS B 87 14.03 1.40 14.31
C LYS B 87 13.08 0.59 13.46
N VAL B 88 13.32 0.59 12.14
CA VAL B 88 12.54 -0.17 11.17
C VAL B 88 13.51 -0.73 10.16
N VAL B 89 13.03 -1.63 9.30
CA VAL B 89 13.80 -2.18 8.20
C VAL B 89 13.08 -1.74 6.91
N VAL B 90 13.82 -1.11 5.98
CA VAL B 90 13.26 -0.63 4.71
C VAL B 90 13.81 -1.47 3.57
N LYS B 91 12.92 -2.18 2.84
CA LYS B 91 13.29 -3.00 1.70
C LYS B 91 12.89 -2.23 0.43
N ILE B 92 13.88 -1.65 -0.25
CA ILE B 92 13.68 -0.90 -1.49
C ILE B 92 13.66 -1.91 -2.65
N LEU B 93 12.56 -1.94 -3.38
CA LEU B 93 12.41 -2.91 -4.46
C LEU B 93 12.60 -2.38 -5.88
N LYS B 94 13.39 -3.10 -6.65
CA LYS B 94 13.61 -2.76 -8.05
C LYS B 94 12.36 -3.30 -8.72
N PRO B 95 11.52 -2.41 -9.26
CA PRO B 95 10.24 -2.79 -9.86
C PRO B 95 10.30 -3.52 -11.21
N VAL B 96 10.92 -4.69 -11.27
CA VAL B 96 10.97 -5.44 -12.52
C VAL B 96 9.56 -5.84 -12.91
N LYS B 97 8.78 -6.30 -11.93
CA LYS B 97 7.39 -6.67 -12.18
C LYS B 97 6.46 -6.02 -11.16
N LYS B 98 5.51 -5.24 -11.65
CA LYS B 98 4.52 -4.58 -10.80
C LYS B 98 3.59 -5.60 -10.12
N LYS B 99 3.22 -6.62 -10.88
CA LYS B 99 2.31 -7.65 -10.37
C LYS B 99 2.89 -8.40 -9.19
N LYS B 100 4.19 -8.70 -9.26
CA LYS B 100 4.87 -9.43 -8.19
C LYS B 100 4.86 -8.62 -6.89
N ILE B 101 5.09 -7.31 -7.01
CA ILE B 101 5.10 -6.43 -5.85
C ILE B 101 3.74 -6.37 -5.17
N LYS B 102 2.68 -6.34 -5.97
CA LYS B 102 1.33 -6.30 -5.43
C LYS B 102 1.02 -7.57 -4.66
N ARG B 103 1.49 -8.70 -5.18
CA ARG B 103 1.26 -9.99 -4.55
C ARG B 103 1.91 -10.06 -3.18
N GLU B 104 3.13 -9.55 -3.07
CA GLU B 104 3.85 -9.57 -1.81
C GLU B 104 3.16 -8.67 -0.79
N ILE B 105 2.79 -7.48 -1.25
CA ILE B 105 2.10 -6.49 -0.40
C ILE B 105 0.78 -7.07 0.13
N LYS B 106 -0.08 -7.63 -0.77
CA LYS B 106 -1.36 -8.23 -0.39
C LYS B 106 -1.19 -9.34 0.63
N ILE B 107 -0.27 -10.26 0.36
CA ILE B 107 0.04 -11.37 1.24
C ILE B 107 0.53 -10.85 2.60
N LEU B 108 1.44 -9.86 2.60
CA LEU B 108 1.96 -9.28 3.85
C LEU B 108 0.86 -8.65 4.69
N GLU B 109 -0.08 -7.98 4.04
CA GLU B 109 -1.24 -7.35 4.71
C GLU B 109 -2.16 -8.42 5.26
N ASN B 110 -2.41 -9.50 4.48
CA ASN B 110 -3.28 -10.59 4.94
C ASN B 110 -2.73 -11.28 6.17
N LEU B 111 -1.41 -11.47 6.21
CA LEU B 111 -0.73 -12.18 7.27
C LEU B 111 -0.28 -11.31 8.44
N ARG B 112 -0.43 -10.00 8.32
CA ARG B 112 0.01 -9.01 9.31
C ARG B 112 -0.55 -9.33 10.70
N GLY B 113 0.37 -9.58 11.63
CA GLY B 113 0.05 -9.93 13.01
C GLY B 113 0.07 -11.41 13.31
N GLY B 114 0.20 -12.27 12.28
CA GLY B 114 0.26 -13.71 12.48
C GLY B 114 1.49 -14.14 13.29
N PRO B 115 1.45 -15.31 13.98
CA PRO B 115 2.62 -15.70 14.78
C PRO B 115 3.90 -15.90 13.95
N ASN B 116 4.98 -15.16 14.33
CA ASN B 116 6.31 -15.23 13.72
C ASN B 116 6.35 -14.82 12.25
N ILE B 117 5.38 -14.02 11.81
CA ILE B 117 5.33 -13.48 10.45
C ILE B 117 5.93 -12.08 10.55
N ILE B 118 6.89 -11.74 9.67
CA ILE B 118 7.43 -10.39 9.67
C ILE B 118 6.28 -9.37 9.49
N THR B 119 6.30 -8.30 10.27
CA THR B 119 5.23 -7.31 10.24
C THR B 119 5.53 -6.20 9.26
N LEU B 120 4.68 -6.07 8.24
CA LEU B 120 4.76 -4.94 7.32
C LEU B 120 4.15 -3.77 8.09
N ALA B 121 4.95 -2.75 8.36
CA ALA B 121 4.52 -1.59 9.14
C ALA B 121 4.04 -0.47 8.22
N ASP B 122 4.62 -0.38 7.01
CA ASP B 122 4.27 0.69 6.06
C ASP B 122 4.68 0.31 4.65
N ILE B 123 4.07 0.99 3.69
CA ILE B 123 4.34 0.82 2.28
C ILE B 123 4.56 2.22 1.80
N VAL B 124 5.80 2.56 1.45
CA VAL B 124 6.10 3.93 1.04
C VAL B 124 6.88 4.06 -0.26
N LYS B 125 6.69 5.20 -0.91
CA LYS B 125 7.39 5.53 -2.13
C LYS B 125 8.10 6.86 -1.91
N ASP B 126 9.37 6.92 -2.29
CA ASP B 126 10.12 8.15 -2.13
C ASP B 126 9.56 9.17 -3.12
N PRO B 127 9.27 10.39 -2.64
CA PRO B 127 8.70 11.50 -3.41
C PRO B 127 9.32 11.66 -4.80
N VAL B 128 10.65 11.67 -4.90
CA VAL B 128 11.29 11.83 -6.21
C VAL B 128 11.50 10.52 -6.97
N SER B 129 12.15 9.55 -6.35
CA SER B 129 12.38 8.26 -7.03
C SER B 129 11.10 7.49 -7.40
N ARG B 130 10.07 7.51 -6.51
CA ARG B 130 8.80 6.74 -6.68
C ARG B 130 9.08 5.21 -6.69
N THR B 131 10.28 4.80 -6.22
CA THR B 131 10.68 3.39 -6.13
C THR B 131 9.86 2.80 -4.98
N PRO B 132 9.24 1.60 -5.18
CA PRO B 132 8.47 1.00 -4.08
C PRO B 132 9.41 0.61 -2.95
N ALA B 133 8.96 0.82 -1.70
CA ALA B 133 9.75 0.41 -0.53
C ALA B 133 8.81 -0.14 0.52
N LEU B 134 9.15 -1.31 1.08
CA LEU B 134 8.33 -1.91 2.13
C LEU B 134 9.00 -1.65 3.44
N VAL B 135 8.23 -1.25 4.42
CA VAL B 135 8.77 -0.92 5.74
C VAL B 135 8.32 -2.00 6.70
N PHE B 136 9.28 -2.63 7.39
CA PHE B 136 9.02 -3.71 8.33
C PHE B 136 9.49 -3.38 9.72
N GLU B 137 8.95 -4.13 10.70
CA GLU B 137 9.42 -4.12 12.08
C GLU B 137 10.90 -4.48 12.03
N HIS B 138 11.67 -3.85 12.92
CA HIS B 138 13.09 -4.16 13.00
C HIS B 138 13.27 -5.50 13.72
N VAL B 139 14.21 -6.32 13.26
CA VAL B 139 14.58 -7.59 13.93
C VAL B 139 16.11 -7.55 14.11
N ASN B 140 16.60 -7.82 15.34
CA ASN B 140 18.03 -7.90 15.64
C ASN B 140 18.50 -9.34 15.40
N ASN B 141 18.86 -9.66 14.15
CA ASN B 141 19.28 -11.01 13.76
C ASN B 141 20.67 -11.42 14.27
N THR B 142 20.72 -12.60 14.91
CA THR B 142 21.94 -13.25 15.39
C THR B 142 22.48 -14.04 14.15
N ASP B 143 23.80 -14.02 13.87
CA ASP B 143 24.37 -14.69 12.67
C ASP B 143 24.22 -16.24 12.62
N PHE B 144 24.01 -16.78 11.39
CA PHE B 144 23.86 -18.21 11.07
C PHE B 144 25.05 -19.06 11.54
N LYS B 145 26.27 -18.65 11.19
CA LYS B 145 27.52 -19.33 11.55
C LYS B 145 27.86 -19.18 13.04
N GLN B 146 27.36 -18.10 13.68
CA GLN B 146 27.54 -17.82 15.10
C GLN B 146 26.63 -18.73 15.94
N LEU B 147 25.37 -18.91 15.49
CA LEU B 147 24.35 -19.76 16.13
C LEU B 147 24.69 -21.25 16.01
N TYR B 148 25.10 -21.68 14.80
CA TYR B 148 25.48 -23.07 14.42
C TYR B 148 26.34 -23.78 15.47
N GLN B 149 27.37 -23.09 16.00
CA GLN B 149 28.30 -23.59 17.00
C GLN B 149 27.67 -23.74 18.40
N THR B 150 26.90 -22.72 18.85
CA THR B 150 26.31 -22.66 20.18
C THR B 150 24.93 -23.34 20.34
N LEU B 151 24.21 -23.66 19.24
CA LEU B 151 22.87 -24.28 19.29
C LEU B 151 22.86 -25.69 19.87
N THR B 152 21.88 -25.95 20.77
CA THR B 152 21.70 -27.25 21.42
C THR B 152 20.54 -27.99 20.75
N ASP B 153 20.30 -29.28 21.12
CA ASP B 153 19.19 -30.10 20.63
C ASP B 153 17.87 -29.37 20.92
N TYR B 154 17.72 -28.81 22.14
CA TYR B 154 16.52 -28.07 22.54
C TYR B 154 16.25 -26.83 21.66
N ASP B 155 17.30 -26.03 21.38
CA ASP B 155 17.21 -24.81 20.56
C ASP B 155 16.69 -25.11 19.16
N ILE B 156 17.14 -26.23 18.57
CA ILE B 156 16.73 -26.66 17.23
C ILE B 156 15.24 -26.99 17.27
N ARG B 157 14.81 -27.80 18.26
CA ARG B 157 13.40 -28.15 18.49
C ARG B 157 12.55 -26.88 18.68
N PHE B 158 13.05 -25.92 19.51
CA PHE B 158 12.36 -24.66 19.83
C PHE B 158 12.11 -23.83 18.56
N TYR B 159 13.18 -23.49 17.83
CA TYR B 159 13.10 -22.68 16.62
C TYR B 159 12.36 -23.39 15.49
N MET B 160 12.51 -24.73 15.34
CA MET B 160 11.73 -25.50 14.35
C MET B 160 10.21 -25.35 14.64
N TYR B 161 9.83 -25.43 15.92
CA TYR B 161 8.43 -25.25 16.33
C TYR B 161 7.94 -23.82 16.03
N GLU B 162 8.80 -22.80 16.24
CA GLU B 162 8.49 -21.38 15.94
C GLU B 162 8.21 -21.18 14.45
N ILE B 163 9.00 -21.88 13.58
CA ILE B 163 8.80 -21.83 12.12
C ILE B 163 7.46 -22.52 11.77
N LEU B 164 7.16 -23.64 12.44
CA LEU B 164 5.90 -24.36 12.20
C LEU B 164 4.68 -23.52 12.58
N LYS B 165 4.81 -22.64 13.61
CA LYS B 165 3.71 -21.76 14.00
C LYS B 165 3.42 -20.81 12.84
N ALA B 166 4.49 -20.26 12.22
CA ALA B 166 4.39 -19.35 11.08
C ALA B 166 3.77 -20.07 9.87
N LEU B 167 4.22 -21.31 9.57
CA LEU B 167 3.76 -22.08 8.42
C LEU B 167 2.35 -22.56 8.59
N ASP B 168 1.99 -23.12 9.76
CA ASP B 168 0.61 -23.53 9.97
C ASP B 168 -0.31 -22.31 9.85
N TYR B 169 0.12 -21.15 10.35
CA TYR B 169 -0.68 -19.94 10.22
C TYR B 169 -0.82 -19.52 8.75
N CYS B 170 0.29 -19.38 7.98
CA CYS B 170 0.15 -18.88 6.62
C CYS B 170 -0.59 -19.89 5.72
N HIS B 171 -0.39 -21.22 5.94
CA HIS B 171 -1.11 -22.27 5.21
C HIS B 171 -2.61 -22.18 5.52
N SER B 172 -2.97 -21.93 6.82
CA SER B 172 -4.37 -21.78 7.23
C SER B 172 -5.02 -20.55 6.55
N MET B 173 -4.16 -19.56 6.20
CA MET B 173 -4.57 -18.31 5.54
C MET B 173 -4.53 -18.47 4.01
N GLY B 174 -4.35 -19.69 3.54
CA GLY B 174 -4.34 -20.06 2.12
C GLY B 174 -3.13 -19.61 1.36
N ILE B 175 -2.00 -19.51 2.05
CA ILE B 175 -0.77 -19.03 1.44
C ILE B 175 0.40 -19.97 1.62
N MET B 176 1.13 -20.22 0.53
CA MET B 176 2.33 -21.03 0.51
C MET B 176 3.48 -20.05 0.46
N HIS B 177 4.43 -20.13 1.39
CA HIS B 177 5.56 -19.20 1.37
C HIS B 177 6.40 -19.36 0.11
N ARG B 178 6.69 -20.62 -0.22
CA ARG B 178 7.45 -21.04 -1.42
C ARG B 178 8.93 -20.66 -1.47
N ASP B 179 9.49 -20.20 -0.36
CA ASP B 179 10.90 -19.84 -0.31
C ASP B 179 11.52 -20.09 1.06
N VAL B 180 11.09 -21.17 1.73
CA VAL B 180 11.62 -21.45 3.06
C VAL B 180 13.08 -21.88 3.00
N LYS B 181 13.90 -21.24 3.82
CA LYS B 181 15.34 -21.48 3.95
C LYS B 181 15.87 -20.67 5.13
N PRO B 182 17.11 -20.95 5.55
CA PRO B 182 17.77 -20.26 6.67
C PRO B 182 17.86 -18.74 6.47
N HIS B 183 18.09 -18.33 5.22
CA HIS B 183 18.17 -16.91 4.86
C HIS B 183 16.85 -16.19 5.11
N ASN B 184 15.74 -16.86 4.91
CA ASN B 184 14.43 -16.25 5.10
C ASN B 184 13.90 -16.35 6.54
N VAL B 185 14.72 -16.87 7.46
CA VAL B 185 14.33 -16.98 8.86
C VAL B 185 15.24 -16.11 9.74
N MET B 186 14.67 -15.09 10.36
CA MET B 186 15.41 -14.17 11.24
C MET B 186 15.22 -14.54 12.67
N ILE B 187 16.32 -14.71 13.39
CA ILE B 187 16.32 -15.07 14.80
C ILE B 187 17.05 -14.04 15.64
N ASP B 188 16.38 -13.54 16.67
CA ASP B 188 16.93 -12.69 17.69
C ASP B 188 17.09 -13.69 18.85
N HIS B 189 18.26 -14.34 18.91
CA HIS B 189 18.52 -15.40 19.89
C HIS B 189 18.40 -14.94 21.35
N GLU B 190 18.88 -13.70 21.64
CA GLU B 190 18.84 -13.08 22.96
C GLU B 190 17.42 -13.02 23.51
N HIS B 191 16.44 -12.71 22.63
CA HIS B 191 15.03 -12.60 22.99
C HIS B 191 14.21 -13.80 22.55
N ARG B 192 14.89 -14.84 21.98
CA ARG B 192 14.28 -16.10 21.47
C ARG B 192 13.10 -15.80 20.52
N LYS B 193 13.30 -14.79 19.66
CA LYS B 193 12.31 -14.28 18.72
C LYS B 193 12.68 -14.70 17.30
N LEU B 194 11.72 -15.27 16.59
CA LEU B 194 11.89 -15.75 15.22
C LEU B 194 10.85 -15.09 14.32
N ARG B 195 11.28 -14.70 13.10
CA ARG B 195 10.43 -14.14 12.07
C ARG B 195 10.69 -14.79 10.71
N LEU B 196 9.61 -15.21 10.03
CA LEU B 196 9.69 -15.75 8.67
C LEU B 196 9.53 -14.53 7.75
N ILE B 197 10.55 -14.28 6.93
CA ILE B 197 10.62 -13.10 6.08
C ILE B 197 10.57 -13.40 4.59
N ASP B 198 10.65 -12.33 3.77
CA ASP B 198 10.67 -12.35 2.31
C ASP B 198 9.56 -13.21 1.70
N TRP B 199 8.39 -12.61 1.63
CA TRP B 199 7.17 -13.15 1.08
C TRP B 199 7.03 -12.82 -0.42
N GLY B 200 8.13 -12.45 -1.06
CA GLY B 200 8.14 -12.13 -2.47
C GLY B 200 7.74 -13.27 -3.39
N LEU B 201 8.08 -14.49 -3.01
CA LEU B 201 7.74 -15.67 -3.81
C LEU B 201 6.43 -16.35 -3.38
N ALA B 202 5.83 -15.85 -2.31
CA ALA B 202 4.59 -16.44 -1.78
C ALA B 202 3.41 -16.40 -2.74
N GLU B 203 2.52 -17.38 -2.63
CA GLU B 203 1.35 -17.45 -3.49
C GLU B 203 0.10 -17.97 -2.79
N PHE B 204 -1.06 -17.58 -3.31
CA PHE B 204 -2.33 -18.05 -2.80
C PHE B 204 -2.58 -19.46 -3.32
N TYR B 205 -2.92 -20.39 -2.42
CA TYR B 205 -3.24 -21.76 -2.84
C TYR B 205 -4.71 -21.87 -3.28
N HIS B 206 -4.92 -22.34 -4.52
CA HIS B 206 -6.24 -22.59 -5.10
C HIS B 206 -6.21 -24.04 -5.60
N PRO B 207 -7.10 -24.92 -5.10
CA PRO B 207 -7.09 -26.33 -5.54
C PRO B 207 -7.21 -26.48 -7.06
N GLY B 208 -6.36 -27.35 -7.64
CA GLY B 208 -6.31 -27.57 -9.08
C GLY B 208 -5.45 -26.59 -9.87
N GLN B 209 -4.98 -25.49 -9.24
CA GLN B 209 -4.13 -24.49 -9.90
C GLN B 209 -2.73 -25.03 -10.25
N GLU B 210 -2.26 -24.70 -11.47
CA GLU B 210 -0.93 -25.10 -11.92
C GLU B 210 -0.02 -23.91 -11.74
N TYR B 211 1.01 -24.07 -10.92
CA TYR B 211 1.92 -22.97 -10.62
C TYR B 211 3.28 -23.10 -11.27
N ASN B 212 3.98 -21.97 -11.39
CA ASN B 212 5.31 -21.97 -11.96
C ASN B 212 6.22 -22.74 -11.01
N VAL B 213 7.08 -23.59 -11.56
CA VAL B 213 7.98 -24.38 -10.75
C VAL B 213 9.27 -23.66 -10.38
N ARG B 214 9.51 -22.49 -10.97
CA ARG B 214 10.72 -21.73 -10.68
C ARG B 214 10.55 -20.88 -9.43
N VAL B 215 10.45 -21.57 -8.30
CA VAL B 215 10.31 -20.93 -7.01
C VAL B 215 11.29 -21.57 -6.05
N ALA B 216 11.56 -20.85 -4.95
CA ALA B 216 12.47 -21.20 -3.85
C ALA B 216 13.94 -21.12 -4.25
N SER B 217 14.79 -21.68 -3.40
N SER B 217 14.78 -21.68 -3.40
CA SER B 217 16.22 -21.70 -3.64
CA SER B 217 16.22 -21.72 -3.62
C SER B 217 16.66 -23.14 -3.88
C SER B 217 16.67 -23.15 -3.89
N ARG B 218 17.39 -23.32 -4.98
CA ARG B 218 17.90 -24.64 -5.40
C ARG B 218 18.02 -25.75 -4.37
N TYR B 219 18.71 -25.50 -3.27
CA TYR B 219 18.86 -26.54 -2.25
C TYR B 219 17.59 -26.93 -1.53
N PHE B 220 16.59 -26.05 -1.52
CA PHE B 220 15.37 -26.24 -0.77
C PHE B 220 14.18 -26.58 -1.68
N LYS B 221 14.42 -26.68 -3.00
CA LYS B 221 13.39 -27.00 -3.98
C LYS B 221 12.87 -28.42 -3.79
N GLY B 222 11.55 -28.55 -3.68
CA GLY B 222 10.89 -29.84 -3.55
C GLY B 222 11.02 -30.67 -4.82
N PRO B 223 11.00 -32.02 -4.73
CA PRO B 223 11.05 -32.84 -5.96
C PRO B 223 10.00 -32.47 -7.01
N GLU B 224 8.78 -32.04 -6.56
CA GLU B 224 7.68 -31.60 -7.43
C GLU B 224 8.15 -30.50 -8.40
N LEU B 225 8.98 -29.55 -7.92
CA LEU B 225 9.48 -28.45 -8.73
C LEU B 225 10.50 -28.94 -9.78
N LEU B 226 11.42 -29.79 -9.33
CA LEU B 226 12.51 -30.34 -10.13
C LEU B 226 12.03 -31.24 -11.26
N VAL B 227 10.87 -31.90 -11.09
CA VAL B 227 10.30 -32.77 -12.13
C VAL B 227 9.22 -32.05 -12.94
N ASP B 228 9.05 -30.73 -12.71
CA ASP B 228 8.10 -29.86 -13.39
C ASP B 228 6.62 -30.30 -13.15
N TYR B 229 6.30 -30.68 -11.91
CA TYR B 229 4.93 -31.01 -11.50
C TYR B 229 4.33 -29.72 -10.90
N GLN B 230 3.47 -29.07 -11.69
CA GLN B 230 2.89 -27.76 -11.39
C GLN B 230 1.76 -27.71 -10.35
N MET B 231 1.02 -28.80 -10.13
CA MET B 231 -0.13 -28.78 -9.20
C MET B 231 0.27 -29.04 -7.74
N TYR B 232 1.26 -28.29 -7.27
CA TYR B 232 1.79 -28.44 -5.93
C TYR B 232 1.01 -27.59 -4.91
N ASP B 233 1.30 -27.76 -3.61
CA ASP B 233 0.58 -27.03 -2.56
C ASP B 233 1.52 -26.60 -1.43
N TYR B 234 0.94 -26.30 -0.23
CA TYR B 234 1.67 -25.90 0.99
C TYR B 234 2.78 -26.88 1.35
N SER B 235 2.61 -28.20 1.01
CA SER B 235 3.54 -29.29 1.31
C SER B 235 4.97 -29.02 0.81
N LEU B 236 5.09 -28.18 -0.20
CA LEU B 236 6.37 -27.78 -0.74
C LEU B 236 7.20 -27.14 0.36
N ASP B 237 6.52 -26.34 1.19
CA ASP B 237 7.18 -25.67 2.31
C ASP B 237 7.72 -26.69 3.31
N MET B 238 6.97 -27.77 3.54
CA MET B 238 7.40 -28.82 4.45
C MET B 238 8.68 -29.50 3.95
N TRP B 239 8.79 -29.68 2.63
CA TRP B 239 10.01 -30.27 2.06
C TRP B 239 11.18 -29.36 2.43
N SER B 240 11.02 -28.05 2.15
CA SER B 240 12.03 -27.01 2.43
C SER B 240 12.44 -27.00 3.91
N LEU B 241 11.43 -27.08 4.80
CA LEU B 241 11.67 -27.16 6.24
C LEU B 241 12.49 -28.43 6.61
N GLY B 242 12.18 -29.56 5.96
CA GLY B 242 12.91 -30.83 6.11
C GLY B 242 14.38 -30.66 5.76
N CYS B 243 14.67 -29.92 4.67
CA CYS B 243 16.04 -29.63 4.22
C CYS B 243 16.81 -28.85 5.29
N MET B 244 16.12 -27.86 5.91
CA MET B 244 16.73 -27.04 6.95
C MET B 244 17.01 -27.87 8.19
N LEU B 245 16.06 -28.74 8.57
CA LEU B 245 16.24 -29.60 9.73
C LEU B 245 17.43 -30.53 9.55
N ALA B 246 17.53 -31.18 8.36
CA ALA B 246 18.60 -32.11 8.02
C ALA B 246 19.96 -31.41 8.05
N SER B 247 20.03 -30.13 7.61
CA SER B 247 21.29 -29.40 7.65
C SER B 247 21.72 -29.08 9.10
N MET B 248 20.76 -28.72 9.95
CA MET B 248 21.00 -28.37 11.34
C MET B 248 21.41 -29.56 12.22
N ILE B 249 20.64 -30.65 12.20
CA ILE B 249 20.92 -31.81 13.04
C ILE B 249 22.18 -32.59 12.58
N PHE B 250 22.48 -32.56 11.28
CA PHE B 250 23.65 -33.25 10.76
C PHE B 250 24.86 -32.33 10.56
N ARG B 251 24.71 -31.01 10.77
CA ARG B 251 25.78 -30.03 10.55
C ARG B 251 26.34 -30.20 9.11
N LYS B 252 25.43 -30.20 8.13
CA LYS B 252 25.81 -30.39 6.72
C LYS B 252 25.01 -29.38 5.92
N GLU B 253 25.64 -28.24 5.57
CA GLU B 253 24.95 -27.15 4.85
C GLU B 253 25.50 -26.92 3.44
N PRO B 254 24.62 -27.00 2.41
CA PRO B 254 23.21 -27.44 2.50
C PRO B 254 23.18 -28.97 2.60
N PHE B 255 22.03 -29.55 2.97
CA PHE B 255 21.94 -31.01 3.01
C PHE B 255 21.99 -31.63 1.60
N PHE B 256 21.19 -31.08 0.64
CA PHE B 256 21.18 -31.61 -0.73
C PHE B 256 21.85 -30.56 -1.56
N HIS B 257 23.12 -30.79 -1.89
CA HIS B 257 23.96 -29.80 -2.56
C HIS B 257 23.97 -29.94 -4.06
N GLY B 258 22.87 -29.57 -4.70
CA GLY B 258 22.78 -29.59 -6.15
C GLY B 258 23.61 -28.45 -6.75
N HIS B 259 24.09 -28.63 -7.97
CA HIS B 259 24.90 -27.62 -8.69
C HIS B 259 24.08 -26.89 -9.75
N ASP B 260 22.91 -27.46 -10.08
CA ASP B 260 21.89 -26.94 -10.98
C ASP B 260 20.58 -27.61 -10.64
N ASN B 261 19.47 -27.21 -11.26
CA ASN B 261 18.15 -27.79 -10.94
C ASN B 261 18.01 -29.29 -11.25
N TYR B 262 18.71 -29.80 -12.27
CA TYR B 262 18.65 -31.21 -12.63
C TYR B 262 19.48 -32.02 -11.64
N ASP B 263 20.70 -31.54 -11.37
CA ASP B 263 21.62 -32.14 -10.40
C ASP B 263 21.00 -32.14 -9.01
N GLN B 264 20.19 -31.11 -8.69
CA GLN B 264 19.49 -31.05 -7.40
C GLN B 264 18.65 -32.33 -7.16
N LEU B 265 17.90 -32.79 -8.19
CA LEU B 265 17.11 -34.02 -8.05
C LEU B 265 18.02 -35.26 -7.84
N VAL B 266 19.19 -35.29 -8.51
CA VAL B 266 20.17 -36.37 -8.37
C VAL B 266 20.67 -36.45 -6.91
N ARG B 267 20.95 -35.30 -6.30
CA ARG B 267 21.42 -35.23 -4.90
C ARG B 267 20.40 -35.82 -3.94
N ILE B 268 19.11 -35.58 -4.23
CA ILE B 268 17.99 -36.10 -3.43
C ILE B 268 17.92 -37.60 -3.66
N ALA B 269 18.02 -38.03 -4.94
CA ALA B 269 17.98 -39.45 -5.32
C ALA B 269 19.09 -40.27 -4.65
N LYS B 270 20.27 -39.65 -4.45
CA LYS B 270 21.42 -40.28 -3.79
C LYS B 270 21.14 -40.62 -2.31
N VAL B 271 20.14 -39.96 -1.72
CA VAL B 271 19.72 -40.17 -0.32
C VAL B 271 18.42 -40.98 -0.30
N LEU B 272 17.36 -40.49 -0.96
CA LEU B 272 16.03 -41.11 -0.97
C LEU B 272 15.89 -42.35 -1.85
N GLY B 273 16.84 -42.57 -2.76
CA GLY B 273 16.80 -43.71 -3.69
C GLY B 273 16.02 -43.40 -4.95
N THR B 274 16.36 -44.10 -6.04
CA THR B 274 15.69 -43.92 -7.35
C THR B 274 14.39 -44.72 -7.49
N GLU B 275 14.22 -45.83 -6.73
CA GLU B 275 13.00 -46.65 -6.80
C GLU B 275 11.80 -45.80 -6.41
N ASP B 276 11.85 -45.14 -5.22
CA ASP B 276 10.77 -44.28 -4.73
C ASP B 276 10.55 -43.07 -5.62
N LEU B 277 11.60 -42.63 -6.34
CA LEU B 277 11.46 -41.53 -7.28
C LEU B 277 10.56 -41.94 -8.48
N TYR B 278 10.78 -43.16 -9.03
CA TYR B 278 9.95 -43.64 -10.14
C TYR B 278 8.52 -43.92 -9.69
N ASP B 279 8.34 -44.42 -8.45
CA ASP B 279 7.00 -44.62 -7.87
C ASP B 279 6.23 -43.30 -7.82
N TYR B 280 6.94 -42.19 -7.44
CA TYR B 280 6.38 -40.85 -7.37
C TYR B 280 5.93 -40.35 -8.74
N ILE B 281 6.83 -40.40 -9.74
CA ILE B 281 6.53 -39.90 -11.07
C ILE B 281 5.43 -40.75 -11.74
N ASP B 282 5.37 -42.07 -11.46
CA ASP B 282 4.34 -42.95 -11.98
C ASP B 282 2.98 -42.69 -11.33
N LYS B 283 2.96 -42.37 -10.02
CA LYS B 283 1.73 -42.07 -9.31
C LYS B 283 1.05 -40.84 -9.92
N TYR B 284 1.84 -39.82 -10.31
CA TYR B 284 1.28 -38.59 -10.86
C TYR B 284 1.41 -38.46 -12.37
N ASN B 285 1.77 -39.57 -13.05
CA ASN B 285 1.99 -39.63 -14.51
C ASN B 285 2.88 -38.47 -15.01
N ILE B 286 3.97 -38.20 -14.27
CA ILE B 286 4.89 -37.10 -14.58
C ILE B 286 5.82 -37.54 -15.71
N GLU B 287 6.04 -36.67 -16.70
CA GLU B 287 6.99 -36.94 -17.78
C GLU B 287 8.36 -36.39 -17.35
N LEU B 288 9.32 -37.30 -17.19
CA LEU B 288 10.66 -36.91 -16.81
C LEU B 288 11.35 -36.23 -17.98
N ASP B 289 11.96 -35.11 -17.69
CA ASP B 289 12.73 -34.35 -18.68
C ASP B 289 13.93 -35.18 -19.20
N PRO B 290 14.22 -35.16 -20.54
CA PRO B 290 15.38 -35.93 -21.06
C PRO B 290 16.73 -35.57 -20.45
N ARG B 291 16.88 -34.36 -19.88
CA ARG B 291 18.13 -33.94 -19.24
C ARG B 291 18.48 -34.89 -18.08
N PHE B 292 17.49 -35.62 -17.53
CA PHE B 292 17.72 -36.58 -16.44
C PHE B 292 18.30 -37.91 -16.88
N ASN B 293 18.21 -38.21 -18.19
CA ASN B 293 18.61 -39.49 -18.76
C ASN B 293 20.04 -39.93 -18.43
N ASP B 294 21.03 -39.05 -18.64
CA ASP B 294 22.44 -39.41 -18.40
C ASP B 294 22.95 -39.14 -16.99
N ILE B 295 22.18 -38.42 -16.14
CA ILE B 295 22.66 -38.05 -14.80
C ILE B 295 22.01 -38.76 -13.62
N LEU B 296 20.77 -39.25 -13.78
CA LEU B 296 20.01 -39.82 -12.65
C LEU B 296 20.63 -41.08 -12.06
N GLY B 297 21.04 -42.01 -12.94
CA GLY B 297 21.61 -43.28 -12.52
C GLY B 297 20.65 -44.11 -11.68
N ARG B 298 21.20 -44.97 -10.80
CA ARG B 298 20.45 -45.87 -9.91
C ARG B 298 21.01 -45.71 -8.51
N HIS B 299 20.15 -45.51 -7.52
CA HIS B 299 20.61 -45.30 -6.15
C HIS B 299 19.72 -46.00 -5.14
N SER B 300 20.34 -46.62 -4.13
CA SER B 300 19.63 -47.30 -3.04
C SER B 300 19.11 -46.23 -2.08
N ARG B 301 18.07 -46.57 -1.30
CA ARG B 301 17.49 -45.72 -0.28
C ARG B 301 18.47 -45.75 0.92
N LYS B 302 19.00 -44.59 1.33
CA LYS B 302 19.93 -44.54 2.48
C LYS B 302 19.17 -44.43 3.80
N ARG B 303 19.74 -44.96 4.89
CA ARG B 303 19.16 -44.87 6.23
C ARG B 303 19.61 -43.53 6.79
N TRP B 304 18.74 -42.78 7.50
CA TRP B 304 19.09 -41.47 8.09
C TRP B 304 20.28 -41.52 9.08
N GLU B 305 20.47 -42.68 9.74
CA GLU B 305 21.55 -42.99 10.69
C GLU B 305 22.93 -42.82 10.07
N ARG B 306 23.08 -43.03 8.74
CA ARG B 306 24.38 -42.93 8.06
C ARG B 306 24.95 -41.49 8.03
N PHE B 307 24.12 -40.47 8.32
CA PHE B 307 24.56 -39.08 8.35
C PHE B 307 25.03 -38.65 9.75
N VAL B 308 24.90 -39.53 10.77
CA VAL B 308 25.32 -39.28 12.15
C VAL B 308 26.84 -39.44 12.24
N HIS B 309 27.53 -38.49 12.90
CA HIS B 309 28.98 -38.48 13.12
C HIS B 309 29.26 -37.88 14.50
N SER B 310 30.53 -37.91 14.93
CA SER B 310 30.98 -37.35 16.22
C SER B 310 30.62 -35.88 16.41
N GLU B 311 30.74 -35.09 15.33
CA GLU B 311 30.45 -33.65 15.34
C GLU B 311 28.97 -33.27 15.48
N ASN B 312 28.04 -34.16 15.10
CA ASN B 312 26.60 -33.85 15.13
C ASN B 312 25.74 -34.75 16.04
N GLN B 313 26.32 -35.77 16.66
CA GLN B 313 25.53 -36.74 17.41
C GLN B 313 24.69 -36.14 18.53
N HIS B 314 25.22 -35.10 19.17
CA HIS B 314 24.52 -34.46 20.29
C HIS B 314 23.22 -33.78 19.85
N LEU B 315 23.02 -33.62 18.53
CA LEU B 315 21.81 -32.97 17.98
C LEU B 315 20.83 -34.01 17.42
N VAL B 316 21.29 -35.25 17.23
CA VAL B 316 20.49 -36.33 16.65
C VAL B 316 19.87 -37.22 17.72
N SER B 317 18.66 -37.72 17.46
CA SER B 317 17.93 -38.61 18.34
C SER B 317 16.96 -39.45 17.47
N PRO B 318 16.42 -40.60 17.95
CA PRO B 318 15.43 -41.33 17.14
C PRO B 318 14.24 -40.45 16.72
N GLU B 319 13.76 -39.54 17.62
CA GLU B 319 12.63 -38.61 17.37
C GLU B 319 12.97 -37.67 16.22
N ALA B 320 14.18 -37.09 16.25
CA ALA B 320 14.65 -36.14 15.21
C ALA B 320 14.67 -36.82 13.85
N LEU B 321 15.21 -38.07 13.80
CA LEU B 321 15.27 -38.88 12.57
C LEU B 321 13.90 -39.29 12.09
N ASP B 322 13.00 -39.67 13.01
CA ASP B 322 11.65 -40.09 12.62
C ASP B 322 10.89 -38.89 12.03
N PHE B 323 11.05 -37.71 12.67
CA PHE B 323 10.42 -36.46 12.22
C PHE B 323 10.95 -36.08 10.82
N LEU B 324 12.29 -36.13 10.65
CA LEU B 324 12.93 -35.80 9.38
C LEU B 324 12.47 -36.73 8.25
N ASP B 325 12.36 -38.02 8.57
CA ASP B 325 11.91 -39.03 7.61
C ASP B 325 10.50 -38.76 7.09
N LYS B 326 9.66 -38.17 7.93
CA LYS B 326 8.27 -37.86 7.63
C LYS B 326 8.10 -36.52 6.87
N LEU B 327 9.17 -35.72 6.75
CA LEU B 327 9.16 -34.46 5.99
C LEU B 327 9.81 -34.67 4.62
N LEU B 328 10.94 -35.39 4.59
CA LEU B 328 11.68 -35.59 3.35
C LEU B 328 11.20 -36.79 2.57
N ARG B 329 10.04 -36.62 1.91
CA ARG B 329 9.42 -37.68 1.11
C ARG B 329 9.15 -37.12 -0.27
N TYR B 330 9.37 -37.92 -1.34
CA TYR B 330 9.13 -37.49 -2.73
C TYR B 330 7.67 -37.06 -2.88
N ASP B 331 6.75 -37.98 -2.52
CA ASP B 331 5.32 -37.79 -2.60
C ASP B 331 4.91 -36.69 -1.65
N HIS B 332 4.64 -35.52 -2.21
CA HIS B 332 4.25 -34.29 -1.51
C HIS B 332 3.02 -34.49 -0.60
N GLN B 333 2.11 -35.40 -1.00
CA GLN B 333 0.91 -35.76 -0.27
C GLN B 333 1.20 -36.54 1.03
N SER B 334 2.30 -37.32 1.03
N SER B 334 2.28 -37.33 1.05
CA SER B 334 2.75 -38.17 2.14
CA SER B 334 2.64 -38.15 2.21
C SER B 334 3.54 -37.44 3.23
C SER B 334 3.38 -37.38 3.31
N ARG B 335 3.91 -36.17 2.98
CA ARG B 335 4.66 -35.35 3.95
C ARG B 335 3.73 -34.89 5.07
N LEU B 336 4.26 -34.71 6.29
CA LEU B 336 3.43 -34.17 7.37
C LEU B 336 3.01 -32.75 7.04
N THR B 337 1.81 -32.36 7.47
CA THR B 337 1.36 -30.98 7.29
C THR B 337 2.03 -30.22 8.46
N ALA B 338 1.98 -28.89 8.48
CA ALA B 338 2.57 -28.13 9.58
C ALA B 338 1.94 -28.50 10.93
N ARG B 339 0.61 -28.68 10.96
CA ARG B 339 -0.14 -29.06 12.16
C ARG B 339 0.20 -30.48 12.63
N GLU B 340 0.32 -31.46 11.71
CA GLU B 340 0.74 -32.84 12.07
C GLU B 340 2.16 -32.81 12.63
N ALA B 341 3.05 -32.00 12.01
CA ALA B 341 4.44 -31.84 12.46
C ALA B 341 4.50 -31.30 13.90
N MET B 342 3.67 -30.31 14.24
CA MET B 342 3.61 -29.73 15.60
C MET B 342 3.26 -30.78 16.68
N GLU B 343 2.52 -31.83 16.29
CA GLU B 343 2.10 -32.94 17.17
C GLU B 343 3.15 -34.06 17.26
N HIS B 344 4.29 -33.95 16.55
CA HIS B 344 5.32 -35.00 16.56
C HIS B 344 6.05 -35.11 17.91
N PRO B 345 6.41 -36.36 18.36
CA PRO B 345 7.18 -36.51 19.62
C PRO B 345 8.45 -35.65 19.74
N TYR B 346 9.07 -35.24 18.60
CA TYR B 346 10.25 -34.38 18.58
C TYR B 346 10.00 -33.05 19.31
N PHE B 347 8.74 -32.59 19.36
CA PHE B 347 8.38 -31.33 20.02
C PHE B 347 7.76 -31.49 21.40
N TYR B 348 7.77 -32.70 21.98
CA TYR B 348 7.20 -32.92 23.33
C TYR B 348 7.90 -32.06 24.41
N THR B 349 9.18 -31.71 24.20
CA THR B 349 10.00 -30.92 25.13
C THR B 349 9.81 -29.40 24.99
N VAL B 350 9.00 -28.94 24.01
CA VAL B 350 8.80 -27.52 23.80
C VAL B 350 7.37 -27.11 24.19
C ACT C . -3.35 28.67 -11.58
O ACT C . -3.74 27.68 -12.24
OXT ACT C . -2.26 28.68 -10.99
CH3 ACT C . -4.23 29.89 -11.53
O1 AW5 D . -10.25 15.42 -13.45
O2 AW5 D . -9.00 14.00 -12.28
C6 AW5 D . -11.00 11.95 -12.69
C3 AW5 D . -13.49 12.86 -13.45
C1 AW5 D . -12.08 11.08 -12.65
C2 AW5 D . -13.34 11.56 -13.01
C5 AW5 D . -11.15 13.26 -13.11
C4 AW5 D . -12.39 13.70 -13.55
C7 AW5 D . -10.01 14.24 -12.96
O AW5 D . -14.76 13.30 -13.69
C AW5 D . -11.89 9.63 -12.28
N1 AVZ E . -17.89 14.17 -10.02
N1 AVZ E . -17.93 14.17 -9.97
C2 AVZ E . -20.15 14.32 -3.17
C2 AVZ E . -20.15 14.11 -3.01
C4 AVZ E . -19.74 13.61 -6.87
C4 AVZ E . -19.77 13.73 -6.76
C5 AVZ E . -18.96 14.58 -7.71
C5 AVZ E . -18.94 14.64 -7.64
C6 AVZ E . -18.97 14.24 -9.17
C6 AVZ E . -18.98 14.26 -9.10
CL AVZ E . -22.17 13.53 0.15
CL AVZ E . -17.56 16.18 -0.81
C AVZ E . -20.89 13.99 -0.92
C AVZ E . -18.83 15.09 -1.26
C11 AVZ E . -19.66 14.41 -0.41
C11 AVZ E . -19.53 14.40 -0.28
C12 AVZ E . -19.37 14.53 1.05
C12 AVZ E . -19.27 14.55 1.18
C17 AVZ E . -19.16 15.78 1.64
C17 AVZ E . -19.12 15.82 1.74
C16 AVZ E . -18.89 15.89 2.98
C16 AVZ E . -18.90 15.97 3.10
C15 AVZ E . -18.82 14.76 3.78
C15 AVZ E . -18.81 14.86 3.91
C14 AVZ E . -19.03 13.53 3.21
C14 AVZ E . -18.94 13.60 3.37
C13 AVZ E . -19.30 13.41 1.87
C13 AVZ E . -19.18 13.45 2.02
C10 AVZ E . -18.67 14.77 -1.32
C10 AVZ E . -20.54 13.53 -0.70
C9 AVZ E . -18.92 14.72 -2.68
C9 AVZ E . -20.85 13.40 -2.04
C1 AVZ E . -21.13 13.95 -2.27
C1 AVZ E . -19.13 14.95 -2.60
C3 AVZ E . -20.43 14.34 -4.66
C3 AVZ E . -20.53 13.99 -4.46
N AVZ E . -19.40 13.68 -5.45
N AVZ E . -19.38 13.82 -5.36
C8 AVZ E . -20.07 13.90 -9.95
C8 AVZ E . -20.10 13.89 -9.84
N2 AVZ E . -19.64 13.65 -11.24
N2 AVZ E . -19.70 13.61 -11.14
C7 AVZ E . -18.34 13.82 -11.23
C7 AVZ E . -18.39 13.80 -11.17
C ACT F . 6.42 -16.67 -9.23
O ACT F . 5.22 -16.99 -9.13
OXT ACT F . 6.87 -15.63 -8.70
CH3 ACT F . 7.34 -17.53 -10.02
N1 AVZ G . 18.72 -12.78 6.35
C2 AVZ G . 19.67 -18.60 10.95
C4 AVZ G . 19.81 -15.38 8.95
C5 AVZ G . 18.77 -14.58 8.20
C6 AVZ G . 19.31 -13.41 7.42
CL AVZ G . 16.56 -21.03 10.45
C AVZ G . 18.03 -20.35 11.06
C11 AVZ G . 18.69 -20.97 12.12
C12 AVZ G . 18.18 -22.19 12.81
C17 AVZ G . 17.74 -23.29 12.07
C16 AVZ G . 17.09 -24.35 12.69
C15 AVZ G . 16.90 -24.34 14.06
C14 AVZ G . 17.37 -23.28 14.81
C13 AVZ G . 18.00 -22.22 14.19
C10 AVZ G . 19.87 -20.36 12.59
C9 AVZ G . 20.33 -19.20 12.01
C1 AVZ G . 18.50 -19.19 10.48
C3 AVZ G . 20.23 -17.39 10.25
N AVZ G . 19.22 -16.46 9.75
C8 AVZ G . 20.48 -12.66 7.66
N2 AVZ G . 20.54 -11.62 6.75
C7 AVZ G . 19.48 -11.73 5.98
#